data_2I6B
#
_entry.id   2I6B
#
_cell.length_a   71.180
_cell.length_b   58.200
_cell.length_c   89.210
_cell.angle_alpha   90.00
_cell.angle_beta   107.54
_cell.angle_gamma   90.00
#
_symmetry.space_group_name_H-M   'P 1 21 1'
#
loop_
_entity.id
_entity.type
_entity.pdbx_description
1 polymer 'Adenosine kinase'
2 non-polymer 5-[4-(DIMETHYLAMINO)PHENYL]-6-[(6-MORPHOLIN-4-YLPYRIDIN-3-YL)ETHYNYL]PYRIMIDIN-4-AMINE
3 water water
#
_entity_poly.entity_id   1
_entity_poly.type   'polypeptide(L)'
_entity_poly.pdbx_seq_one_letter_code
;MTSVRENILFGMGNPLLDISAVVDKDFLDKYSLKPNDQILAEDKHKELFDELVKKFKVEYHAGGSTQNSIKVAQWMIQQP
HKAATFFGCIGIDKFGEILKRKAAEAHVDAHYYEQNEQPTGTCAACITGDNRSLIANLAAANCYKKEKHLDLEKNWMLVE
KARVCYIAGFFLTVSPESVLKVAHHASENNRIFTLNLSAPFISQFYKESLMKVMPYVDILFGNETEAATFAREQGFETKD
IKEIAKKTQALPKMNSKRQRIVIFTQGRDDTIMATESEVTAFAVLDQDQKEIIDTNGAGDAFVGGFLSQLVSDKPLTECI
RAGHYAASIIIRRTGCTFPEKPDFH
;
_entity_poly.pdbx_strand_id   A,B
#
loop_
_chem_comp.id
_chem_comp.type
_chem_comp.name
_chem_comp.formula
89I non-polymer 5-[4-(DIMETHYLAMINO)PHENYL]-6-[(6-MORPHOLIN-4-YLPYRIDIN-3-YL)ETHYNYL]PYRIMIDIN-4-AMINE 'C23 H24 N6 O'
#
# COMPACT_ATOMS: atom_id res chain seq x y z
N THR A 2 19.28 22.19 -29.57
CA THR A 2 18.66 23.10 -28.62
C THR A 2 17.66 23.97 -29.39
N SER A 3 18.22 24.95 -30.09
CA SER A 3 17.48 25.94 -30.86
C SER A 3 16.37 26.64 -30.09
N VAL A 4 16.64 26.98 -28.84
CA VAL A 4 15.73 27.82 -28.07
C VAL A 4 16.34 29.22 -28.28
N ARG A 5 15.54 30.28 -28.20
CA ARG A 5 16.10 31.62 -28.42
C ARG A 5 16.17 32.57 -27.19
N GLU A 6 17.05 33.56 -27.27
CA GLU A 6 17.25 34.47 -26.17
C GLU A 6 15.96 35.23 -25.82
N ASN A 7 15.95 35.87 -24.64
CA ASN A 7 14.84 36.71 -24.19
C ASN A 7 13.49 36.06 -24.48
N ILE A 8 13.49 34.74 -24.42
CA ILE A 8 12.32 33.92 -24.72
C ILE A 8 11.37 33.85 -23.54
N LEU A 9 11.96 33.93 -22.33
CA LEU A 9 11.26 33.99 -21.06
C LEU A 9 11.60 35.28 -20.38
N PHE A 10 10.59 36.13 -20.18
CA PHE A 10 10.77 37.37 -19.43
C PHE A 10 10.33 37.20 -17.99
N GLY A 11 11.13 37.72 -17.06
CA GLY A 11 10.74 37.80 -15.67
C GLY A 11 10.96 39.20 -15.10
N MET A 12 10.31 39.47 -13.97
CA MET A 12 10.35 40.79 -13.36
C MET A 12 9.77 40.78 -11.96
N GLY A 13 10.41 41.50 -11.05
CA GLY A 13 10.17 41.33 -9.62
C GLY A 13 11.11 42.15 -8.78
N ASN A 14 11.27 41.74 -7.51
CA ASN A 14 12.18 42.45 -6.59
C ASN A 14 13.53 41.79 -6.52
N PRO A 15 14.54 42.46 -7.09
CA PRO A 15 15.92 41.98 -7.01
C PRO A 15 16.47 42.24 -5.59
N LEU A 16 16.79 41.14 -4.91
CA LEU A 16 17.39 41.19 -3.59
C LEU A 16 18.78 40.58 -3.70
N LEU A 17 19.76 41.19 -3.02
CA LEU A 17 21.11 40.62 -3.00
C LEU A 17 21.31 39.78 -1.78
N ASP A 18 21.23 38.46 -1.95
CA ASP A 18 21.33 37.50 -0.83
C ASP A 18 22.74 37.50 -0.18
N ILE A 19 22.78 37.72 1.14
CA ILE A 19 24.11 37.65 1.77
C ILE A 19 24.15 36.55 2.87
N SER A 20 24.62 35.35 2.50
CA SER A 20 24.72 34.31 3.54
C SER A 20 26.11 34.28 4.17
N ALA A 21 26.23 33.54 5.30
CA ALA A 21 27.52 33.35 5.98
C ALA A 21 27.36 32.30 7.09
N VAL A 22 28.27 32.30 8.06
CA VAL A 22 27.95 31.59 9.27
C VAL A 22 28.12 32.49 10.47
N VAL A 23 27.12 32.79 11.31
CA VAL A 23 27.36 33.62 12.50
C VAL A 23 27.29 32.74 13.73
N ASP A 24 26.87 33.31 14.87
CA ASP A 24 26.78 32.56 16.14
C ASP A 24 25.51 32.83 16.93
N LYS A 25 25.51 33.93 17.66
CA LYS A 25 24.36 34.41 18.43
C LYS A 25 24.75 35.70 19.10
N ASP A 26 26.03 35.80 19.44
CA ASP A 26 26.54 37.02 20.02
C ASP A 26 26.50 38.07 18.93
N PHE A 27 26.12 37.63 17.74
CA PHE A 27 26.01 38.55 16.60
C PHE A 27 24.55 38.84 16.33
N LEU A 28 23.69 37.91 16.79
CA LEU A 28 22.24 37.98 16.64
C LEU A 28 21.53 38.73 17.79
N ASP A 29 21.99 38.54 19.02
CA ASP A 29 21.36 39.18 20.17
C ASP A 29 21.49 40.70 20.09
N LYS A 30 22.54 41.15 19.40
CA LYS A 30 22.73 42.58 19.18
C LYS A 30 21.45 43.13 18.56
N TYR A 31 21.05 42.51 17.45
CA TYR A 31 19.82 42.91 16.74
C TYR A 31 18.64 42.06 17.15
N SER A 32 18.87 41.20 18.16
CA SER A 32 17.85 40.30 18.71
C SER A 32 17.04 39.70 17.58
N LEU A 33 17.34 38.46 17.23
CA LEU A 33 16.65 37.79 16.11
C LEU A 33 16.47 36.29 16.37
N LYS A 34 15.23 35.80 16.25
CA LYS A 34 14.93 34.39 16.46
C LYS A 34 15.65 33.46 15.47
N PRO A 35 16.59 32.69 15.99
CA PRO A 35 17.47 31.80 15.20
C PRO A 35 16.94 31.24 13.87
N ASN A 36 15.65 30.87 13.85
CA ASN A 36 15.03 30.37 12.62
C ASN A 36 13.69 31.07 12.31
N ASP A 37 13.78 32.29 11.76
CA ASP A 37 12.62 33.11 11.42
C ASP A 37 12.93 34.12 10.30
N GLN A 38 11.97 34.35 9.40
CA GLN A 38 12.14 35.32 8.30
C GLN A 38 11.20 36.50 8.47
N ILE A 39 11.77 37.67 8.72
CA ILE A 39 11.01 38.91 8.87
C ILE A 39 11.61 40.05 8.04
N LEU A 40 11.02 41.24 8.15
CA LEU A 40 11.49 42.39 7.43
C LEU A 40 12.40 43.27 8.31
N ALA A 41 13.35 43.93 7.69
CA ALA A 41 14.23 44.87 8.38
C ALA A 41 13.52 46.16 8.81
N GLU A 42 13.81 46.61 10.03
CA GLU A 42 13.29 47.86 10.58
C GLU A 42 14.48 48.82 10.79
N ASP A 43 14.22 50.10 11.08
CA ASP A 43 15.27 51.13 11.20
C ASP A 43 16.34 50.87 12.25
N LYS A 44 16.14 49.79 12.99
CA LYS A 44 17.09 49.38 14.02
C LYS A 44 17.93 48.23 13.50
N HIS A 45 17.85 47.97 12.20
CA HIS A 45 18.57 46.84 11.58
C HIS A 45 19.47 47.35 10.47
N LYS A 46 19.39 48.65 10.23
CA LYS A 46 20.16 49.34 9.20
C LYS A 46 21.62 48.86 9.03
N GLU A 47 22.33 48.71 10.15
CA GLU A 47 23.74 48.31 10.09
C GLU A 47 23.98 46.84 9.80
N LEU A 48 23.10 45.99 10.31
CA LEU A 48 23.18 44.53 10.19
C LEU A 48 23.71 44.08 8.83
N PHE A 49 23.41 44.84 7.79
CA PHE A 49 23.91 44.52 6.45
C PHE A 49 25.41 44.75 6.37
N ASP A 50 25.81 46.01 6.50
CA ASP A 50 27.23 46.36 6.47
C ASP A 50 28.04 45.53 7.46
N GLU A 51 27.43 45.10 8.56
CA GLU A 51 28.15 44.30 9.54
C GLU A 51 28.06 42.81 9.34
N LEU A 52 27.72 42.40 8.12
CA LEU A 52 27.72 40.99 7.77
C LEU A 52 28.74 40.73 6.67
N VAL A 53 29.25 41.81 6.07
CA VAL A 53 30.27 41.74 5.02
C VAL A 53 31.64 41.91 5.65
N LYS A 54 31.65 42.18 6.95
CA LYS A 54 32.87 42.45 7.70
C LYS A 54 33.39 41.24 8.47
N LYS A 55 32.83 41.01 9.64
CA LYS A 55 33.27 39.94 10.53
C LYS A 55 32.91 38.50 10.15
N PHE A 56 32.30 38.30 8.99
CA PHE A 56 31.91 36.96 8.55
C PHE A 56 32.15 36.71 7.07
N LYS A 57 32.64 35.50 6.75
CA LYS A 57 32.91 35.18 5.35
C LYS A 57 31.60 34.85 4.68
N VAL A 58 31.29 35.61 3.63
CA VAL A 58 30.01 35.47 2.98
C VAL A 58 30.07 35.14 1.48
N GLU A 59 28.96 34.59 0.99
CA GLU A 59 28.72 34.32 -0.44
C GLU A 59 27.72 35.40 -0.87
N TYR A 60 27.71 35.68 -2.17
CA TYR A 60 26.85 36.70 -2.77
C TYR A 60 26.10 36.11 -3.95
N HIS A 61 24.82 35.78 -3.72
CA HIS A 61 24.00 35.25 -4.78
C HIS A 61 22.89 36.23 -5.14
N ALA A 62 22.59 36.32 -6.44
CA ALA A 62 21.52 37.20 -6.93
C ALA A 62 20.19 36.60 -6.46
N GLY A 63 19.57 37.20 -5.47
CA GLY A 63 18.38 36.63 -4.87
C GLY A 63 17.06 37.32 -5.21
N GLY A 64 16.00 36.92 -4.50
CA GLY A 64 14.64 37.42 -4.76
C GLY A 64 13.88 36.26 -5.45
N SER A 65 12.61 36.07 -5.13
CA SER A 65 11.84 34.97 -5.71
C SER A 65 11.86 34.90 -7.22
N THR A 66 11.23 35.88 -7.87
CA THR A 66 11.17 35.90 -9.31
C THR A 66 12.57 35.72 -9.93
N GLN A 67 13.57 36.36 -9.31
CA GLN A 67 14.93 36.27 -9.85
C GLN A 67 15.55 34.89 -9.66
N ASN A 68 15.13 34.23 -8.59
CA ASN A 68 15.60 32.89 -8.26
C ASN A 68 15.08 31.95 -9.29
N SER A 69 13.78 32.04 -9.54
CA SER A 69 13.10 31.22 -10.54
C SER A 69 13.65 31.37 -11.97
N ILE A 70 14.01 32.60 -12.34
CA ILE A 70 14.54 32.87 -13.67
C ILE A 70 16.00 32.34 -13.80
N LYS A 71 16.77 32.37 -12.72
CA LYS A 71 18.11 31.85 -12.80
C LYS A 71 18.12 30.31 -12.87
N VAL A 72 17.25 29.66 -12.09
CA VAL A 72 17.08 28.18 -12.15
C VAL A 72 16.56 27.75 -13.53
N ALA A 73 15.67 28.56 -14.11
CA ALA A 73 15.15 28.30 -15.42
C ALA A 73 16.24 28.45 -16.45
N GLN A 74 17.24 29.28 -16.18
CA GLN A 74 18.33 29.42 -17.13
C GLN A 74 19.41 28.34 -16.90
N TRP A 75 19.43 27.79 -15.70
CA TRP A 75 20.38 26.76 -15.33
C TRP A 75 19.98 25.49 -16.06
N MET A 76 18.68 25.23 -16.12
CA MET A 76 18.13 24.03 -16.76
C MET A 76 18.04 24.19 -18.26
N ILE A 77 18.22 25.42 -18.73
CA ILE A 77 18.51 26.18 -19.94
C ILE A 77 20.01 26.40 -20.13
N GLN A 78 20.78 25.31 -20.02
CA GLN A 78 22.23 25.45 -20.18
C GLN A 78 22.58 26.25 -21.43
N GLN A 79 21.70 26.18 -22.45
CA GLN A 79 21.96 26.96 -23.65
C GLN A 79 20.70 27.20 -24.47
N PRO A 80 20.60 28.33 -25.15
CA PRO A 80 21.63 29.35 -25.13
C PRO A 80 21.70 30.14 -23.83
N HIS A 81 22.37 31.26 -23.91
CA HIS A 81 22.49 32.13 -22.77
C HIS A 81 21.60 33.32 -23.02
N LYS A 82 21.30 34.03 -21.95
CA LYS A 82 20.45 35.18 -22.02
C LYS A 82 19.13 34.71 -22.60
N ALA A 83 18.79 33.46 -22.33
CA ALA A 83 17.51 32.91 -22.76
C ALA A 83 16.35 33.53 -21.92
N ALA A 84 16.69 33.84 -20.67
CA ALA A 84 15.75 34.43 -19.75
C ALA A 84 16.21 35.83 -19.35
N THR A 85 15.24 36.75 -19.37
CA THR A 85 15.49 38.15 -19.05
C THR A 85 14.83 38.54 -17.72
N PHE A 86 15.26 39.65 -17.14
CA PHE A 86 14.77 40.02 -15.82
C PHE A 86 14.93 41.50 -15.54
N PHE A 87 13.82 42.15 -15.21
CA PHE A 87 13.78 43.56 -14.87
C PHE A 87 13.55 43.74 -13.37
N GLY A 88 14.22 44.72 -12.78
CA GLY A 88 13.97 45.00 -11.37
C GLY A 88 14.62 46.35 -11.06
N CYS A 89 14.49 46.83 -9.82
CA CYS A 89 15.12 48.10 -9.41
C CYS A 89 16.24 47.83 -8.42
N ILE A 90 17.35 48.53 -8.59
CA ILE A 90 18.44 48.40 -7.64
C ILE A 90 18.99 49.77 -7.32
N GLY A 91 19.89 49.88 -6.38
CA GLY A 91 20.49 51.19 -6.08
C GLY A 91 21.85 51.37 -6.81
N ILE A 92 22.35 52.59 -6.81
CA ILE A 92 23.64 52.83 -7.44
C ILE A 92 24.66 52.89 -6.32
N ASP A 93 25.01 51.71 -5.84
CA ASP A 93 25.99 51.43 -4.79
C ASP A 93 26.69 50.12 -5.14
N LYS A 94 27.65 49.72 -4.30
CA LYS A 94 28.41 48.49 -4.51
C LYS A 94 27.56 47.22 -4.45
N PHE A 95 26.49 47.24 -3.66
CA PHE A 95 25.65 46.05 -3.50
C PHE A 95 25.03 45.72 -4.83
N GLY A 96 24.50 46.75 -5.50
CA GLY A 96 23.88 46.63 -6.82
C GLY A 96 24.91 46.18 -7.88
N GLU A 97 26.14 46.65 -7.69
CA GLU A 97 27.31 46.29 -8.51
C GLU A 97 27.50 44.78 -8.46
N ILE A 98 27.47 44.26 -7.24
CA ILE A 98 27.60 42.84 -6.99
C ILE A 98 26.43 42.09 -7.63
N LEU A 99 25.20 42.57 -7.39
CA LEU A 99 24.01 41.97 -8.04
C LEU A 99 24.12 41.89 -9.57
N LYS A 100 24.51 43.00 -10.21
CA LYS A 100 24.60 43.05 -11.69
C LYS A 100 25.56 41.94 -12.21
N ARG A 101 26.53 41.63 -11.36
CA ARG A 101 27.65 40.73 -11.60
C ARG A 101 27.26 39.27 -11.41
N LYS A 102 26.72 38.97 -10.24
CA LYS A 102 26.23 37.63 -9.94
C LYS A 102 25.18 37.11 -10.96
N ALA A 103 24.40 38.01 -11.56
CA ALA A 103 23.35 37.63 -12.53
C ALA A 103 23.90 37.31 -13.90
N ALA A 104 24.85 38.11 -14.36
CA ALA A 104 25.48 37.88 -15.66
C ALA A 104 26.28 36.60 -15.50
N GLU A 105 26.81 36.42 -14.29
CA GLU A 105 27.52 35.21 -13.99
C GLU A 105 26.48 34.14 -13.80
N ALA A 106 25.37 34.24 -14.53
CA ALA A 106 24.30 33.23 -14.47
C ALA A 106 23.65 33.20 -15.84
N HIS A 107 24.25 33.91 -16.78
CA HIS A 107 23.77 33.89 -18.14
C HIS A 107 22.32 34.40 -18.20
N VAL A 108 21.92 35.06 -17.12
CA VAL A 108 20.63 35.73 -17.06
C VAL A 108 20.80 37.12 -17.69
N ASP A 109 19.87 37.50 -18.56
CA ASP A 109 19.90 38.83 -19.15
C ASP A 109 19.13 39.78 -18.24
N ALA A 110 19.83 40.37 -17.27
CA ALA A 110 19.23 41.30 -16.33
C ALA A 110 19.39 42.71 -16.83
N HIS A 111 18.35 43.51 -16.62
CA HIS A 111 18.34 44.88 -17.05
C HIS A 111 17.59 45.62 -15.96
N TYR A 112 18.34 46.29 -15.10
CA TYR A 112 17.86 46.93 -13.90
C TYR A 112 17.56 48.39 -14.06
N TYR A 113 16.63 48.85 -13.25
CA TYR A 113 16.37 50.28 -13.08
C TYR A 113 17.23 50.69 -11.88
N GLU A 114 18.28 51.47 -12.14
CA GLU A 114 19.20 51.89 -11.07
C GLU A 114 18.82 53.28 -10.50
N GLN A 115 19.02 53.52 -9.21
CA GLN A 115 18.71 54.82 -8.63
C GLN A 115 19.42 55.05 -7.30
N ASN A 116 19.32 56.27 -6.77
CA ASN A 116 20.01 56.67 -5.53
C ASN A 116 19.20 56.72 -4.22
N GLU A 117 17.97 57.21 -4.33
CA GLU A 117 17.03 57.37 -3.23
C GLU A 117 17.23 56.34 -2.15
N GLN A 118 17.27 55.08 -2.57
CA GLN A 118 17.34 53.96 -1.65
C GLN A 118 18.45 52.96 -1.95
N PRO A 119 18.93 52.19 -1.00
CA PRO A 119 20.00 51.26 -1.32
C PRO A 119 19.50 50.04 -2.06
N THR A 120 20.34 49.19 -2.58
CA THR A 120 19.89 47.99 -3.27
C THR A 120 19.44 47.05 -2.25
N GLY A 121 18.30 46.45 -2.44
CA GLY A 121 17.73 45.61 -1.42
C GLY A 121 18.53 44.40 -1.09
N THR A 122 18.18 43.72 -0.03
CA THR A 122 19.03 42.68 0.36
C THR A 122 18.48 41.85 1.43
N CYS A 123 18.79 40.57 1.35
CA CYS A 123 18.25 39.53 2.21
C CYS A 123 19.47 39.01 2.97
N ALA A 124 19.32 38.61 4.22
CA ALA A 124 20.50 38.23 4.98
C ALA A 124 20.43 36.84 5.51
N ALA A 125 21.28 35.94 5.01
CA ALA A 125 21.25 34.59 5.52
C ALA A 125 22.14 34.50 6.74
N CYS A 126 21.51 34.38 7.91
CA CYS A 126 22.21 34.30 9.18
C CYS A 126 22.12 32.87 9.70
N ILE A 127 22.98 31.99 9.19
CA ILE A 127 22.94 30.60 9.59
C ILE A 127 23.89 30.23 10.74
N THR A 128 23.31 29.49 11.69
CA THR A 128 24.05 29.04 12.85
C THR A 128 24.21 27.53 12.67
N GLY A 129 24.04 27.12 11.43
CA GLY A 129 24.09 25.71 11.04
C GLY A 129 22.65 25.23 11.08
N ASP A 130 22.06 25.17 12.26
CA ASP A 130 20.70 24.70 12.41
C ASP A 130 19.61 25.74 12.62
N ASN A 131 19.69 26.80 11.85
CA ASN A 131 18.71 27.87 11.90
C ASN A 131 18.73 28.63 10.58
N ARG A 132 17.80 29.55 10.45
CA ARG A 132 17.70 30.41 9.28
C ARG A 132 17.03 31.69 9.71
N SER A 133 17.78 32.57 10.36
CA SER A 133 17.28 33.90 10.69
C SER A 133 17.49 34.77 9.43
N LEU A 134 16.39 35.09 8.75
CA LEU A 134 16.43 35.91 7.53
C LEU A 134 15.95 37.32 7.77
N ILE A 135 16.77 38.30 7.40
CA ILE A 135 16.38 39.69 7.46
C ILE A 135 16.32 40.27 6.07
N ALA A 136 15.10 40.64 5.65
CA ALA A 136 14.89 41.27 4.33
C ALA A 136 14.64 42.75 4.33
N ASN A 137 15.42 43.50 3.56
CA ASN A 137 15.20 44.94 3.40
C ASN A 137 15.00 45.27 1.91
N LEU A 138 13.74 45.49 1.49
CA LEU A 138 13.42 45.71 0.08
C LEU A 138 14.09 46.89 -0.64
N ALA A 139 14.03 48.06 0.00
CA ALA A 139 14.62 49.32 -0.46
C ALA A 139 14.32 49.56 -1.90
N ALA A 140 15.40 49.56 -2.67
CA ALA A 140 15.40 49.81 -4.11
C ALA A 140 14.44 48.93 -4.88
N ALA A 141 14.29 47.68 -4.47
CA ALA A 141 13.35 46.79 -5.22
C ALA A 141 11.91 47.31 -5.23
N ASN A 142 11.61 48.14 -4.24
CA ASN A 142 10.27 48.72 -4.05
C ASN A 142 10.16 50.12 -4.66
N CYS A 143 11.15 50.54 -5.43
CA CYS A 143 11.10 51.86 -6.04
C CYS A 143 10.98 51.76 -7.56
N TYR A 144 10.71 50.56 -8.05
CA TYR A 144 10.64 50.39 -9.53
C TYR A 144 9.67 51.34 -10.18
N LYS A 145 10.09 52.01 -11.26
CA LYS A 145 9.15 52.92 -11.94
C LYS A 145 9.00 52.45 -13.37
N LYS A 146 7.77 52.14 -13.76
CA LYS A 146 7.54 51.58 -15.07
C LYS A 146 7.70 52.61 -16.16
N GLU A 147 7.37 53.86 -15.83
CA GLU A 147 7.39 54.93 -16.80
C GLU A 147 8.78 55.30 -17.20
N LYS A 148 9.75 54.94 -16.37
CA LYS A 148 11.13 55.28 -16.70
C LYS A 148 12.00 54.05 -16.89
N HIS A 149 11.38 52.88 -17.02
CA HIS A 149 12.15 51.68 -17.28
C HIS A 149 11.49 50.63 -18.18
N LEU A 150 10.31 50.19 -17.76
CA LEU A 150 9.58 49.13 -18.45
C LEU A 150 8.92 49.74 -19.69
N ASP A 151 8.51 50.99 -19.54
CA ASP A 151 7.92 51.70 -20.67
C ASP A 151 8.92 52.10 -21.76
N LEU A 152 10.21 52.16 -21.43
CA LEU A 152 11.21 52.47 -22.46
C LEU A 152 11.36 51.44 -23.59
N GLU A 153 11.39 51.97 -24.82
CA GLU A 153 11.54 51.19 -26.05
C GLU A 153 12.53 50.03 -25.93
N LYS A 154 13.76 50.32 -25.55
CA LYS A 154 14.77 49.26 -25.54
C LYS A 154 14.50 48.10 -24.62
N ASN A 155 13.98 48.38 -23.43
CA ASN A 155 13.67 47.27 -22.52
C ASN A 155 12.34 46.63 -22.90
N TRP A 156 11.34 47.45 -23.20
CA TRP A 156 10.05 46.91 -23.58
C TRP A 156 10.10 45.98 -24.80
N MET A 157 11.12 46.16 -25.63
CA MET A 157 11.27 45.29 -26.80
C MET A 157 11.74 43.90 -26.43
N LEU A 158 12.31 43.78 -25.23
CA LEU A 158 12.77 42.50 -24.73
C LEU A 158 11.56 41.75 -24.18
N VAL A 159 10.52 42.48 -23.76
CA VAL A 159 9.27 41.85 -23.28
C VAL A 159 8.54 41.29 -24.50
N GLU A 160 8.80 41.91 -25.64
CA GLU A 160 8.27 41.48 -26.92
C GLU A 160 8.96 40.23 -27.46
N LYS A 161 10.28 40.14 -27.30
CA LYS A 161 11.04 38.97 -27.75
C LYS A 161 10.59 37.70 -27.02
N ALA A 162 9.91 37.90 -25.90
CA ALA A 162 9.42 36.85 -24.98
C ALA A 162 8.14 36.14 -25.38
N ARG A 163 8.05 34.83 -25.10
CA ARG A 163 6.87 34.02 -25.40
C ARG A 163 6.28 33.44 -24.12
N VAL A 164 6.89 33.79 -23.00
CA VAL A 164 6.46 33.40 -21.67
C VAL A 164 6.87 34.48 -20.64
N CYS A 165 5.92 34.87 -19.80
CA CYS A 165 6.17 35.87 -18.75
C CYS A 165 5.81 35.26 -17.45
N TYR A 166 6.65 35.51 -16.44
CA TYR A 166 6.38 35.08 -15.07
C TYR A 166 6.82 36.18 -14.12
N ILE A 167 5.94 36.49 -13.18
CA ILE A 167 6.20 37.47 -12.14
C ILE A 167 5.66 36.92 -10.85
N ALA A 168 6.52 36.83 -9.82
CA ALA A 168 6.04 36.40 -8.52
C ALA A 168 5.11 37.47 -8.00
N GLY A 169 4.13 37.07 -7.22
CA GLY A 169 3.10 38.01 -6.77
C GLY A 169 3.65 39.02 -5.77
N PHE A 170 4.83 38.77 -5.24
CA PHE A 170 5.40 39.74 -4.27
C PHE A 170 5.56 41.11 -4.96
N PHE A 171 5.55 41.07 -6.27
CA PHE A 171 5.83 42.27 -7.03
C PHE A 171 4.57 43.12 -7.09
N LEU A 172 3.42 42.54 -6.75
CA LEU A 172 2.19 43.34 -6.75
C LEU A 172 2.24 44.32 -5.63
N THR A 173 3.06 44.05 -4.62
CA THR A 173 3.22 44.97 -3.50
C THR A 173 4.04 46.18 -3.94
N VAL A 174 4.61 46.13 -5.15
CA VAL A 174 5.46 47.21 -5.65
C VAL A 174 4.79 47.93 -6.79
N SER A 175 4.47 47.18 -7.83
CA SER A 175 3.84 47.76 -8.97
C SER A 175 2.81 46.88 -9.68
N PRO A 176 1.55 47.06 -9.33
CA PRO A 176 0.50 46.36 -10.04
C PRO A 176 0.28 46.94 -11.44
N GLU A 177 0.48 48.25 -11.61
CA GLU A 177 0.33 48.92 -12.92
C GLU A 177 1.27 48.29 -13.92
N SER A 178 2.42 47.91 -13.44
CA SER A 178 3.42 47.33 -14.35
C SER A 178 3.26 45.78 -14.48
N VAL A 179 2.73 45.15 -13.45
CA VAL A 179 2.35 43.74 -13.52
C VAL A 179 1.32 43.61 -14.64
N LEU A 180 0.33 44.50 -14.60
CA LEU A 180 -0.75 44.64 -15.58
C LEU A 180 -0.35 44.85 -17.07
N LYS A 181 0.53 45.81 -17.36
CA LYS A 181 1.03 46.08 -18.73
C LYS A 181 1.56 44.77 -19.34
N VAL A 182 2.21 43.96 -18.51
CA VAL A 182 2.76 42.68 -18.97
C VAL A 182 1.69 41.59 -19.12
N ALA A 183 0.82 41.48 -18.14
CA ALA A 183 -0.26 40.52 -18.22
C ALA A 183 -1.16 40.86 -19.41
N HIS A 184 -1.69 42.08 -19.43
CA HIS A 184 -2.51 42.59 -20.55
C HIS A 184 -1.86 42.26 -21.91
N HIS A 185 -0.60 42.60 -22.03
CA HIS A 185 0.09 42.30 -23.24
C HIS A 185 0.10 40.83 -23.61
N ALA A 186 0.14 39.95 -22.61
CA ALA A 186 0.16 38.52 -22.91
C ALA A 186 -1.17 38.15 -23.57
N SER A 187 -2.25 38.80 -23.12
CA SER A 187 -3.59 38.67 -23.71
C SER A 187 -3.61 39.15 -25.16
N GLU A 188 -3.43 40.46 -25.36
CA GLU A 188 -3.38 41.05 -26.70
C GLU A 188 -2.59 40.23 -27.74
N ASN A 189 -1.45 39.67 -27.35
CA ASN A 189 -0.66 38.88 -28.29
C ASN A 189 -0.71 37.40 -28.00
N ASN A 190 -1.74 37.02 -27.26
CA ASN A 190 -1.96 35.61 -26.91
C ASN A 190 -0.68 34.78 -26.66
N ARG A 191 0.12 35.24 -25.69
CA ARG A 191 1.31 34.49 -25.25
C ARG A 191 1.00 34.08 -23.80
N ILE A 192 1.92 33.36 -23.18
CA ILE A 192 1.63 32.85 -21.84
C ILE A 192 2.15 33.78 -20.76
N PHE A 193 1.28 34.01 -19.80
CA PHE A 193 1.63 34.84 -18.68
C PHE A 193 1.28 34.03 -17.44
N THR A 194 2.31 33.89 -16.59
CA THR A 194 2.33 33.12 -15.36
C THR A 194 2.57 34.03 -14.13
N LEU A 195 2.12 33.58 -12.97
CA LEU A 195 2.15 34.41 -11.76
C LEU A 195 2.24 33.56 -10.49
N ASN A 196 2.89 34.07 -9.45
CA ASN A 196 2.93 33.39 -8.15
C ASN A 196 2.10 34.05 -7.09
N LEU A 197 1.45 33.24 -6.25
CA LEU A 197 0.65 33.77 -5.12
C LEU A 197 1.64 34.22 -4.06
N SER A 198 2.84 33.64 -4.10
CA SER A 198 3.95 34.05 -3.23
C SER A 198 3.86 33.87 -1.71
N ALA A 199 2.76 34.33 -1.14
CA ALA A 199 2.61 34.33 0.32
C ALA A 199 1.10 34.52 0.54
N PRO A 200 0.60 34.01 1.65
CA PRO A 200 -0.83 34.16 1.91
C PRO A 200 -1.23 35.65 2.02
N PHE A 201 -0.39 36.47 2.65
CA PHE A 201 -0.66 37.90 2.77
C PHE A 201 -1.03 38.62 1.45
N ILE A 202 -0.54 38.13 0.32
CA ILE A 202 -0.88 38.77 -0.94
C ILE A 202 -2.41 38.63 -1.21
N SER A 203 -2.95 37.44 -0.97
CA SER A 203 -4.35 37.09 -1.18
C SER A 203 -5.30 37.84 -0.22
N GLN A 204 -4.80 38.10 0.99
CA GLN A 204 -5.55 38.70 2.06
C GLN A 204 -5.48 40.20 1.97
N PHE A 205 -4.34 40.73 1.54
CA PHE A 205 -4.08 42.16 1.64
C PHE A 205 -3.78 42.90 0.34
N TYR A 206 -3.87 42.22 -0.79
CA TYR A 206 -3.62 42.82 -2.08
C TYR A 206 -4.59 42.18 -3.09
N LYS A 207 -5.77 41.79 -2.61
CA LYS A 207 -6.73 41.08 -3.45
C LYS A 207 -7.25 41.85 -4.64
N GLU A 208 -7.38 43.15 -4.43
CA GLU A 208 -7.79 44.08 -5.47
C GLU A 208 -6.80 44.10 -6.65
N SER A 209 -5.52 44.24 -6.33
CA SER A 209 -4.46 44.05 -7.29
C SER A 209 -4.31 42.62 -7.83
N LEU A 210 -4.61 41.63 -7.02
CA LEU A 210 -4.47 40.27 -7.42
C LEU A 210 -5.63 39.80 -8.24
N MET A 211 -6.81 40.34 -8.00
CA MET A 211 -7.90 40.07 -8.89
C MET A 211 -7.92 40.79 -10.24
N LYS A 212 -7.36 41.98 -10.32
CA LYS A 212 -7.14 42.64 -11.61
C LYS A 212 -6.26 41.95 -12.64
N VAL A 213 -5.23 41.25 -12.20
CA VAL A 213 -4.38 40.46 -13.05
C VAL A 213 -4.90 39.06 -13.19
N MET A 214 -5.80 38.65 -12.33
CA MET A 214 -6.17 37.26 -12.38
C MET A 214 -6.78 36.89 -13.70
N PRO A 215 -7.59 37.74 -14.27
CA PRO A 215 -8.21 37.47 -15.57
C PRO A 215 -7.24 37.37 -16.70
N TYR A 216 -6.00 37.83 -16.46
CA TYR A 216 -4.97 37.92 -17.50
C TYR A 216 -3.89 36.90 -17.23
N VAL A 217 -4.21 35.98 -16.32
CA VAL A 217 -3.27 35.00 -15.83
C VAL A 217 -3.43 33.64 -16.42
N ASP A 218 -2.53 33.29 -17.33
CA ASP A 218 -2.59 32.00 -18.00
C ASP A 218 -2.36 30.83 -17.06
N ILE A 219 -1.21 30.84 -16.40
CA ILE A 219 -0.89 29.82 -15.41
C ILE A 219 -0.76 30.47 -14.04
N LEU A 220 -1.11 29.74 -12.99
CA LEU A 220 -0.99 30.25 -11.63
C LEU A 220 -0.23 29.26 -10.79
N PHE A 221 0.80 29.76 -10.12
CA PHE A 221 1.64 28.97 -9.27
C PHE A 221 1.29 29.39 -7.84
N GLY A 222 1.27 28.42 -6.95
CA GLY A 222 0.93 28.66 -5.56
C GLY A 222 1.23 27.38 -4.81
N ASN A 223 1.15 27.47 -3.48
CA ASN A 223 1.35 26.31 -2.63
C ASN A 223 0.13 26.00 -1.77
N GLU A 224 0.26 24.94 -0.98
CA GLU A 224 -0.74 24.44 -0.07
C GLU A 224 -1.44 25.58 0.63
N THR A 225 -0.76 26.13 1.61
CA THR A 225 -1.27 27.21 2.44
C THR A 225 -1.75 28.42 1.64
N GLU A 226 -0.92 28.89 0.72
CA GLU A 226 -1.26 30.06 -0.06
C GLU A 226 -2.59 29.80 -0.77
N ALA A 227 -2.67 28.60 -1.37
CA ALA A 227 -3.87 28.11 -2.03
C ALA A 227 -5.07 28.31 -1.08
N ALA A 228 -4.87 27.79 0.13
CA ALA A 228 -5.78 27.80 1.28
C ALA A 228 -6.39 29.17 1.61
N THR A 229 -5.52 30.18 1.74
CA THR A 229 -5.96 31.54 2.05
C THR A 229 -6.63 32.20 0.85
N PHE A 230 -6.10 31.88 -0.32
CA PHE A 230 -6.68 32.45 -1.51
C PHE A 230 -8.15 32.08 -1.64
N ALA A 231 -8.47 30.82 -1.32
CA ALA A 231 -9.86 30.30 -1.37
C ALA A 231 -10.71 30.93 -0.26
N ARG A 232 -10.14 30.97 0.92
CA ARG A 232 -10.76 31.63 2.06
C ARG A 232 -11.38 32.99 1.66
N GLU A 233 -10.61 33.87 1.03
CA GLU A 233 -11.14 35.21 0.70
C GLU A 233 -12.21 35.20 -0.38
N GLN A 234 -11.80 34.82 -1.59
CA GLN A 234 -12.69 34.78 -2.75
C GLN A 234 -13.98 33.95 -2.57
N GLY A 235 -14.06 33.17 -1.49
CA GLY A 235 -15.25 32.33 -1.22
C GLY A 235 -15.38 31.05 -2.08
N PHE A 236 -14.50 30.08 -1.84
CA PHE A 236 -14.52 28.82 -2.58
C PHE A 236 -15.12 27.72 -1.70
N GLU A 237 -15.16 27.99 -0.40
CA GLU A 237 -15.71 27.09 0.62
C GLU A 237 -14.88 25.83 0.85
N THR A 238 -14.49 25.19 -0.25
CA THR A 238 -13.69 23.98 -0.18
C THR A 238 -12.44 24.23 0.67
N LYS A 239 -11.80 23.16 1.11
CA LYS A 239 -10.54 23.20 1.85
C LYS A 239 -9.73 22.16 1.15
N ASP A 240 -10.37 21.56 0.16
CA ASP A 240 -9.75 20.49 -0.59
C ASP A 240 -9.02 21.13 -1.76
N ILE A 241 -7.71 21.05 -1.68
CA ILE A 241 -6.83 21.62 -2.67
C ILE A 241 -7.22 21.09 -4.04
N LYS A 242 -7.38 19.78 -4.14
CA LYS A 242 -7.75 19.14 -5.41
C LYS A 242 -9.00 19.80 -5.97
N GLU A 243 -9.72 20.54 -5.13
CA GLU A 243 -10.94 21.23 -5.54
C GLU A 243 -10.69 22.70 -5.77
N ILE A 244 -9.94 23.34 -4.88
CA ILE A 244 -9.62 24.75 -5.02
C ILE A 244 -9.04 25.01 -6.39
N ALA A 245 -8.15 24.11 -6.83
CA ALA A 245 -7.52 24.20 -8.15
C ALA A 245 -8.56 24.26 -9.27
N LYS A 246 -9.75 23.72 -9.00
CA LYS A 246 -10.86 23.70 -9.97
C LYS A 246 -11.60 25.03 -9.96
N LYS A 247 -12.08 25.42 -8.78
CA LYS A 247 -12.81 26.67 -8.60
C LYS A 247 -12.03 27.88 -9.07
N THR A 248 -10.72 27.93 -8.77
CA THR A 248 -9.86 29.05 -9.18
C THR A 248 -9.76 29.09 -10.69
N GLN A 249 -9.23 28.02 -11.26
CA GLN A 249 -9.06 27.93 -12.69
C GLN A 249 -10.32 28.10 -13.53
N ALA A 250 -11.49 28.18 -12.90
CA ALA A 250 -12.74 28.47 -13.62
C ALA A 250 -13.08 29.95 -13.47
N LEU A 251 -12.09 30.72 -13.01
CA LEU A 251 -12.21 32.15 -12.78
C LEU A 251 -12.21 32.87 -14.11
N PRO A 252 -12.99 33.94 -14.20
CA PRO A 252 -13.10 34.68 -15.44
C PRO A 252 -11.79 35.05 -16.10
N LYS A 253 -11.44 34.30 -17.14
CA LYS A 253 -10.22 34.51 -17.89
C LYS A 253 -10.51 35.34 -19.13
N MET A 254 -10.00 36.58 -19.10
CA MET A 254 -10.15 37.57 -20.15
C MET A 254 -9.94 36.96 -21.51
N ASN A 255 -8.69 36.67 -21.84
CA ASN A 255 -8.40 35.95 -23.08
C ASN A 255 -9.18 34.65 -22.82
N SER A 256 -9.85 34.12 -23.84
CA SER A 256 -10.64 32.89 -23.65
C SER A 256 -10.06 31.81 -24.58
N LYS A 257 -9.22 32.27 -25.49
CA LYS A 257 -8.47 31.40 -26.39
C LYS A 257 -7.56 30.43 -25.64
N ARG A 258 -7.07 30.83 -24.47
CA ARG A 258 -6.33 29.89 -23.62
C ARG A 258 -7.12 29.67 -22.35
N GLN A 259 -7.40 28.41 -22.05
CA GLN A 259 -8.07 28.05 -20.80
C GLN A 259 -6.86 27.97 -19.87
N ARG A 260 -7.05 28.16 -18.58
CA ARG A 260 -5.93 28.21 -17.66
C ARG A 260 -5.58 26.95 -16.88
N ILE A 261 -4.33 26.93 -16.43
CA ILE A 261 -3.70 25.84 -15.68
C ILE A 261 -3.27 26.38 -14.32
N VAL A 262 -3.64 25.66 -13.27
CA VAL A 262 -3.37 26.04 -11.89
C VAL A 262 -2.50 24.98 -11.22
N ILE A 263 -1.24 25.33 -10.96
CA ILE A 263 -0.32 24.39 -10.36
C ILE A 263 -0.16 24.78 -8.91
N PHE A 264 -0.75 23.98 -8.02
CA PHE A 264 -0.62 24.23 -6.60
C PHE A 264 0.36 23.19 -6.06
N THR A 265 1.52 23.64 -5.62
CA THR A 265 2.53 22.76 -5.08
C THR A 265 2.08 22.44 -3.66
N GLN A 266 2.76 21.48 -3.05
CA GLN A 266 2.43 21.15 -1.68
C GLN A 266 3.71 20.89 -0.91
N GLY A 267 4.67 21.80 -1.08
CA GLY A 267 5.97 21.63 -0.48
C GLY A 267 6.44 20.36 -1.18
N ARG A 268 6.87 19.39 -0.39
CA ARG A 268 7.35 18.12 -0.90
C ARG A 268 6.30 17.07 -0.58
N ASP A 269 5.32 16.96 -1.46
CA ASP A 269 4.20 16.04 -1.30
C ASP A 269 3.15 16.31 -2.40
N ASP A 270 3.27 15.58 -3.51
CA ASP A 270 2.33 15.77 -4.61
C ASP A 270 2.36 17.17 -5.25
N THR A 271 1.53 17.31 -6.26
CA THR A 271 1.39 18.54 -6.96
C THR A 271 0.04 18.41 -7.63
N ILE A 272 -0.75 19.47 -7.53
CA ILE A 272 -2.08 19.44 -8.04
C ILE A 272 -2.23 20.34 -9.25
N MET A 273 -2.41 19.73 -10.41
CA MET A 273 -2.65 20.50 -11.62
C MET A 273 -4.12 20.47 -12.02
N ALA A 274 -4.67 21.64 -12.37
CA ALA A 274 -6.05 21.76 -12.80
C ALA A 274 -6.01 22.33 -14.20
N THR A 275 -6.64 21.63 -15.15
CA THR A 275 -6.70 22.04 -16.57
C THR A 275 -8.15 22.16 -17.01
N GLU A 276 -8.39 22.43 -18.28
CA GLU A 276 -9.77 22.60 -18.77
C GLU A 276 -10.59 21.31 -18.57
N SER A 277 -9.92 20.16 -18.66
CA SER A 277 -10.57 18.90 -18.44
C SER A 277 -10.82 18.67 -16.94
N GLU A 278 -9.92 17.93 -16.28
CA GLU A 278 -10.07 17.59 -14.87
C GLU A 278 -8.72 17.56 -14.14
N VAL A 279 -8.79 17.55 -12.80
CA VAL A 279 -7.64 17.61 -11.91
C VAL A 279 -6.90 16.30 -11.70
N THR A 280 -5.60 16.31 -11.97
CA THR A 280 -4.74 15.15 -11.71
C THR A 280 -3.88 15.46 -10.50
N ALA A 281 -2.94 14.57 -10.21
CA ALA A 281 -2.03 14.76 -9.09
C ALA A 281 -0.74 13.97 -9.32
N PHE A 282 0.38 14.68 -9.22
CA PHE A 282 1.69 14.11 -9.45
C PHE A 282 2.49 14.06 -8.17
N ALA A 283 2.95 12.86 -7.81
CA ALA A 283 3.73 12.68 -6.60
C ALA A 283 5.16 13.15 -6.81
N VAL A 284 5.77 13.64 -5.74
CA VAL A 284 7.10 14.18 -5.83
C VAL A 284 8.25 13.19 -5.77
N LEU A 285 9.42 13.67 -6.20
CA LEU A 285 10.65 12.90 -6.12
C LEU A 285 11.09 13.05 -4.66
N ASP A 286 11.32 11.94 -3.99
CA ASP A 286 11.74 12.01 -2.59
C ASP A 286 13.27 12.05 -2.44
N GLN A 287 13.71 12.73 -1.38
CA GLN A 287 15.12 12.85 -1.02
C GLN A 287 15.19 12.87 0.50
N ASP A 288 14.34 12.03 1.10
CA ASP A 288 14.19 11.84 2.53
C ASP A 288 15.24 12.29 3.56
N GLN A 289 14.72 12.61 4.75
CA GLN A 289 15.44 13.03 5.95
C GLN A 289 16.49 14.13 5.84
N LYS A 290 16.36 15.00 4.84
CA LYS A 290 17.03 16.27 4.58
C LYS A 290 16.82 17.31 5.68
N GLU A 291 17.66 17.22 6.73
CA GLU A 291 17.64 18.24 7.78
C GLU A 291 17.96 19.63 7.22
N ILE A 292 18.64 19.62 6.06
CA ILE A 292 19.04 20.88 5.43
C ILE A 292 17.96 21.39 4.46
N ILE A 293 16.88 20.58 4.35
CA ILE A 293 15.92 20.81 3.28
C ILE A 293 15.47 22.26 3.20
N ASP A 294 16.08 22.99 2.25
CA ASP A 294 15.68 24.37 1.97
C ASP A 294 14.17 24.54 2.14
N THR A 295 13.25 23.61 1.89
CA THR A 295 11.84 23.83 2.11
C THR A 295 11.45 25.22 1.60
N ASN A 296 11.37 26.19 2.51
CA ASN A 296 11.07 27.57 2.16
C ASN A 296 12.04 28.02 1.06
N GLY A 297 11.49 28.38 -0.11
CA GLY A 297 12.32 28.87 -1.22
C GLY A 297 12.72 27.77 -2.21
N ALA A 298 12.01 26.66 -2.15
CA ALA A 298 12.27 25.56 -3.05
C ALA A 298 11.15 25.57 -4.08
N GLY A 299 10.04 26.22 -3.72
CA GLY A 299 8.92 26.40 -4.64
C GLY A 299 9.40 27.37 -5.72
N ASP A 300 10.37 28.21 -5.41
CA ASP A 300 10.89 29.12 -6.43
C ASP A 300 11.63 28.26 -7.43
N ALA A 301 12.34 27.24 -6.95
CA ALA A 301 13.07 26.34 -7.84
C ALA A 301 12.15 25.47 -8.71
N PHE A 302 11.01 25.10 -8.16
CA PHE A 302 10.06 24.27 -8.90
C PHE A 302 9.71 25.08 -10.13
N VAL A 303 9.25 26.30 -9.87
CA VAL A 303 8.86 27.26 -10.90
C VAL A 303 9.93 27.50 -11.99
N GLY A 304 11.18 27.62 -11.63
CA GLY A 304 12.19 27.80 -12.69
C GLY A 304 12.22 26.54 -13.61
N GLY A 305 12.57 25.37 -13.06
CA GLY A 305 12.54 24.11 -13.81
C GLY A 305 11.29 23.94 -14.72
N PHE A 306 10.10 24.24 -14.17
CA PHE A 306 8.84 24.13 -14.90
C PHE A 306 8.87 25.07 -16.08
N LEU A 307 9.38 26.28 -15.83
CA LEU A 307 9.38 27.32 -16.85
C LEU A 307 10.30 26.97 -17.99
N SER A 308 11.41 26.35 -17.64
CA SER A 308 12.42 25.95 -18.60
C SER A 308 11.91 25.01 -19.67
N GLN A 309 10.80 24.33 -19.37
CA GLN A 309 10.24 23.31 -20.26
C GLN A 309 9.00 23.83 -20.99
N LEU A 310 8.46 24.94 -20.51
CA LEU A 310 7.28 25.49 -21.11
C LEU A 310 7.61 26.50 -22.20
N VAL A 311 8.84 27.03 -22.15
CA VAL A 311 9.31 28.00 -23.13
C VAL A 311 9.51 27.24 -24.43
N SER A 312 9.45 25.91 -24.35
CA SER A 312 9.56 25.05 -25.54
C SER A 312 8.25 24.32 -25.87
N ASP A 313 7.17 24.68 -25.18
CA ASP A 313 5.89 24.02 -25.35
C ASP A 313 6.09 22.51 -25.28
N LYS A 314 6.23 21.99 -24.06
CA LYS A 314 6.38 20.57 -23.79
C LYS A 314 5.16 20.15 -23.00
N PRO A 315 5.01 18.84 -22.84
CA PRO A 315 3.89 18.28 -22.09
C PRO A 315 3.95 18.78 -20.66
N LEU A 316 2.81 19.28 -20.18
CA LEU A 316 2.68 19.75 -18.80
C LEU A 316 3.24 18.77 -17.77
N THR A 317 3.23 17.49 -18.12
CA THR A 317 3.71 16.43 -17.25
C THR A 317 5.22 16.49 -17.17
N GLU A 318 5.84 16.96 -18.26
CA GLU A 318 7.31 17.15 -18.35
C GLU A 318 7.76 18.50 -17.74
N CYS A 319 6.85 19.46 -17.69
CA CYS A 319 7.15 20.75 -17.08
C CYS A 319 7.22 20.45 -15.59
N ILE A 320 6.27 19.65 -15.14
CA ILE A 320 6.24 19.24 -13.76
C ILE A 320 7.39 18.30 -13.42
N ARG A 321 8.03 17.66 -14.40
CA ARG A 321 9.14 16.75 -14.10
C ARG A 321 10.37 17.58 -13.70
N ALA A 322 10.63 18.63 -14.49
CA ALA A 322 11.80 19.49 -14.30
C ALA A 322 11.62 20.37 -13.06
N GLY A 323 10.35 20.60 -12.68
CA GLY A 323 10.05 21.28 -11.42
C GLY A 323 10.69 20.57 -10.22
N HIS A 324 10.78 19.25 -10.30
CA HIS A 324 11.37 18.44 -9.23
C HIS A 324 12.85 18.25 -9.44
N TYR A 325 13.28 18.07 -10.69
CA TYR A 325 14.72 18.05 -10.97
C TYR A 325 15.30 19.35 -10.37
N ALA A 326 14.66 20.49 -10.66
CA ALA A 326 15.08 21.81 -10.17
C ALA A 326 15.04 21.97 -8.63
N ALA A 327 13.87 21.75 -8.04
CA ALA A 327 13.75 21.82 -6.60
C ALA A 327 13.87 20.41 -6.00
N SER A 328 15.07 20.04 -5.57
CA SER A 328 16.18 20.97 -5.53
C SER A 328 17.53 20.30 -5.80
N ILE A 329 18.46 21.18 -6.19
CA ILE A 329 19.88 20.97 -6.19
C ILE A 329 20.13 21.85 -4.97
N ILE A 330 19.09 22.63 -4.64
CA ILE A 330 19.04 23.63 -3.54
C ILE A 330 18.62 23.02 -2.18
N SER B 3 -28.28 -15.72 5.90
CA SER B 3 -26.82 -15.82 5.81
C SER B 3 -26.34 -17.06 5.06
N VAL B 4 -25.39 -17.78 5.66
CA VAL B 4 -24.80 -19.00 5.09
C VAL B 4 -25.81 -20.10 4.72
N ARG B 5 -25.81 -20.47 3.44
CA ARG B 5 -26.72 -21.48 2.88
C ARG B 5 -26.36 -22.95 3.24
N GLU B 6 -27.09 -23.89 2.65
CA GLU B 6 -26.87 -25.33 2.88
C GLU B 6 -25.95 -25.96 1.81
N ASN B 7 -25.34 -27.09 2.14
CA ASN B 7 -24.45 -27.80 1.22
C ASN B 7 -23.39 -26.88 0.62
N ILE B 8 -23.05 -25.84 1.36
CA ILE B 8 -22.13 -24.81 0.91
C ILE B 8 -20.65 -25.15 1.02
N LEU B 9 -20.32 -26.07 1.94
CA LEU B 9 -18.96 -26.54 2.16
C LEU B 9 -18.91 -28.05 2.01
N PHE B 10 -18.25 -28.54 0.95
CA PHE B 10 -18.21 -29.98 0.74
C PHE B 10 -16.99 -30.74 1.29
N GLY B 11 -17.26 -31.84 1.99
CA GLY B 11 -16.24 -32.71 2.59
C GLY B 11 -16.34 -34.11 1.98
N MET B 12 -15.21 -34.82 1.96
CA MET B 12 -15.17 -36.18 1.40
C MET B 12 -13.97 -36.90 1.90
N GLY B 13 -14.23 -38.06 2.47
CA GLY B 13 -13.12 -38.85 2.96
C GLY B 13 -13.58 -40.18 3.48
N ASN B 14 -12.81 -40.64 4.46
CA ASN B 14 -12.96 -41.92 5.09
C ASN B 14 -13.84 -41.79 6.36
N PRO B 15 -15.06 -42.33 6.28
CA PRO B 15 -15.98 -42.30 7.40
C PRO B 15 -15.70 -43.53 8.28
N LEU B 16 -15.14 -43.23 9.45
CA LEU B 16 -14.83 -44.18 10.47
C LEU B 16 -15.75 -43.92 11.68
N LEU B 17 -16.20 -44.98 12.32
CA LEU B 17 -16.96 -44.85 13.54
C LEU B 17 -16.00 -45.15 14.69
N ASP B 18 -15.88 -44.19 15.58
CA ASP B 18 -15.01 -44.35 16.71
C ASP B 18 -15.80 -45.11 17.78
N ILE B 19 -15.09 -46.02 18.44
CA ILE B 19 -15.63 -46.74 19.55
C ILE B 19 -14.64 -46.42 20.66
N SER B 20 -15.15 -45.74 21.65
CA SER B 20 -14.34 -45.27 22.73
C SER B 20 -14.87 -45.94 24.00
N ALA B 21 -13.96 -46.30 24.90
CA ALA B 21 -14.40 -46.94 26.14
C ALA B 21 -13.43 -46.63 27.28
N VAL B 22 -13.22 -47.63 28.10
CA VAL B 22 -12.27 -47.56 29.20
C VAL B 22 -11.90 -49.03 29.49
N VAL B 23 -10.91 -49.55 28.78
CA VAL B 23 -10.57 -50.96 28.96
C VAL B 23 -9.57 -51.20 30.07
N ASP B 24 -9.40 -52.47 30.42
CA ASP B 24 -8.42 -52.85 31.41
C ASP B 24 -7.34 -53.57 30.63
N LYS B 25 -6.11 -53.54 31.14
CA LYS B 25 -4.98 -54.12 30.41
C LYS B 25 -5.17 -55.58 30.07
N ASP B 26 -5.97 -56.26 30.86
CA ASP B 26 -6.19 -57.68 30.63
C ASP B 26 -6.74 -57.81 29.21
N PHE B 27 -7.46 -56.77 28.80
CA PHE B 27 -8.09 -56.71 27.48
C PHE B 27 -7.06 -56.45 26.36
N LEU B 28 -6.05 -55.68 26.69
CA LEU B 28 -5.03 -55.32 25.74
C LEU B 28 -4.17 -56.53 25.42
N ASP B 29 -3.53 -57.06 26.46
CA ASP B 29 -2.63 -58.22 26.35
C ASP B 29 -3.15 -59.34 25.46
N LYS B 30 -4.46 -59.48 25.38
CA LYS B 30 -5.05 -60.50 24.51
C LYS B 30 -4.77 -60.23 23.02
N TYR B 31 -4.76 -58.95 22.63
CA TYR B 31 -4.47 -58.58 21.25
C TYR B 31 -3.11 -57.90 21.19
N SER B 32 -2.39 -57.91 22.30
CA SER B 32 -1.06 -57.30 22.34
C SER B 32 -1.02 -55.90 21.75
N LEU B 33 -1.34 -54.90 22.57
CA LEU B 33 -1.40 -53.52 22.12
C LEU B 33 -0.64 -52.58 23.04
N LYS B 34 0.31 -51.82 22.50
CA LYS B 34 0.97 -50.79 23.29
C LYS B 34 -0.15 -49.85 23.77
N PRO B 35 -0.11 -49.51 25.05
CA PRO B 35 -1.20 -48.75 25.71
C PRO B 35 -1.46 -47.37 25.08
N ASN B 36 -0.41 -46.76 24.53
CA ASN B 36 -0.52 -45.46 23.88
C ASN B 36 0.20 -45.68 22.54
N ASP B 37 -0.60 -45.98 21.52
CA ASP B 37 -0.08 -46.24 20.18
C ASP B 37 -1.27 -46.21 19.28
N GLN B 38 -1.04 -45.85 18.04
CA GLN B 38 -2.10 -45.83 17.05
C GLN B 38 -1.57 -46.78 15.97
N ILE B 39 -2.28 -47.87 15.75
CA ILE B 39 -1.87 -48.86 14.77
C ILE B 39 -3.07 -49.15 13.94
N LEU B 40 -2.90 -49.71 12.74
CA LEU B 40 -4.05 -50.19 11.98
C LEU B 40 -4.23 -51.69 12.28
N ALA B 41 -5.47 -52.13 12.23
CA ALA B 41 -5.86 -53.50 12.48
C ALA B 41 -5.42 -54.55 11.45
N GLU B 42 -4.94 -55.67 11.98
CA GLU B 42 -4.57 -56.80 11.17
C GLU B 42 -5.59 -57.92 11.43
N ASP B 43 -5.54 -58.97 10.62
CA ASP B 43 -6.50 -60.08 10.70
C ASP B 43 -6.69 -60.62 12.08
N LYS B 44 -5.65 -60.48 12.89
CA LYS B 44 -5.65 -60.96 14.26
C LYS B 44 -6.51 -60.09 15.16
N HIS B 45 -6.78 -58.87 14.70
CA HIS B 45 -7.55 -57.89 15.48
C HIS B 45 -9.02 -57.90 15.11
N LYS B 46 -9.42 -58.79 14.21
CA LYS B 46 -10.81 -58.88 13.72
C LYS B 46 -11.96 -58.80 14.74
N GLU B 47 -11.70 -59.22 15.98
CA GLU B 47 -12.78 -59.32 16.98
C GLU B 47 -12.68 -58.26 18.11
N LEU B 48 -11.60 -57.50 18.04
CA LEU B 48 -11.33 -56.45 18.99
C LEU B 48 -12.59 -55.62 18.98
N PHE B 49 -13.14 -55.40 17.78
CA PHE B 49 -14.32 -54.55 17.60
C PHE B 49 -15.61 -55.04 18.22
N ASP B 50 -15.99 -56.25 17.87
CA ASP B 50 -17.21 -56.81 18.44
C ASP B 50 -17.06 -57.04 19.94
N GLU B 51 -15.85 -57.28 20.42
CA GLU B 51 -15.67 -57.45 21.85
C GLU B 51 -15.33 -56.15 22.61
N LEU B 52 -15.91 -55.06 22.15
CA LEU B 52 -15.71 -53.79 22.82
C LEU B 52 -17.11 -53.25 23.07
N VAL B 53 -18.01 -53.51 22.13
CA VAL B 53 -19.42 -53.09 22.24
C VAL B 53 -20.08 -54.03 23.24
N LYS B 54 -19.25 -54.90 23.79
CA LYS B 54 -19.65 -55.93 24.74
C LYS B 54 -19.24 -55.49 26.14
N LYS B 55 -18.26 -56.19 26.68
CA LYS B 55 -17.78 -55.92 28.05
C LYS B 55 -17.52 -54.49 28.49
N PHE B 56 -17.70 -53.51 27.63
CA PHE B 56 -17.21 -52.20 27.96
C PHE B 56 -17.93 -51.01 28.57
N LYS B 57 -18.34 -50.11 27.69
CA LYS B 57 -18.99 -48.86 28.04
C LYS B 57 -19.35 -48.37 26.66
N VAL B 58 -18.34 -47.82 26.01
CA VAL B 58 -18.42 -47.44 24.61
C VAL B 58 -19.25 -46.21 24.25
N GLU B 59 -18.56 -45.21 23.69
CA GLU B 59 -19.17 -44.01 23.11
C GLU B 59 -19.01 -44.13 21.58
N TYR B 60 -20.07 -43.78 20.83
CA TYR B 60 -20.02 -43.79 19.37
C TYR B 60 -20.06 -42.38 18.81
N HIS B 61 -18.96 -41.99 18.19
CA HIS B 61 -18.84 -40.65 17.64
C HIS B 61 -18.35 -40.70 16.22
N ALA B 62 -19.15 -40.21 15.29
CA ALA B 62 -18.77 -40.19 13.87
C ALA B 62 -17.38 -39.55 13.76
N GLY B 63 -16.37 -40.40 13.53
CA GLY B 63 -15.01 -39.93 13.43
C GLY B 63 -14.45 -39.96 11.99
N GLY B 64 -13.11 -39.94 11.92
CA GLY B 64 -12.35 -39.90 10.66
C GLY B 64 -12.06 -38.41 10.45
N SER B 65 -10.79 -38.11 10.22
CA SER B 65 -10.26 -36.76 10.18
C SER B 65 -11.06 -35.76 9.30
N THR B 66 -11.39 -36.26 8.11
CA THR B 66 -12.03 -35.58 7.02
C THR B 66 -13.46 -35.23 7.52
N GLN B 67 -14.12 -36.20 8.16
CA GLN B 67 -15.46 -36.03 8.70
C GLN B 67 -15.45 -35.25 10.01
N ASN B 68 -14.46 -35.51 10.84
CA ASN B 68 -14.36 -34.79 12.09
C ASN B 68 -14.37 -33.30 11.79
N SER B 69 -13.46 -32.91 10.90
CA SER B 69 -13.24 -31.52 10.45
C SER B 69 -14.53 -30.88 9.97
N ILE B 70 -15.29 -31.59 9.13
CA ILE B 70 -16.59 -31.08 8.67
C ILE B 70 -17.52 -30.86 9.88
N LYS B 71 -17.74 -31.88 10.69
CA LYS B 71 -18.59 -31.77 11.87
C LYS B 71 -18.20 -30.52 12.68
N VAL B 72 -16.93 -30.41 13.06
CA VAL B 72 -16.43 -29.27 13.85
C VAL B 72 -16.71 -27.91 13.18
N ALA B 73 -17.05 -27.93 11.89
CA ALA B 73 -17.39 -26.70 11.19
C ALA B 73 -18.90 -26.47 11.24
N GLN B 74 -19.67 -27.55 11.32
CA GLN B 74 -21.10 -27.40 11.48
C GLN B 74 -21.30 -26.80 12.88
N TRP B 75 -20.57 -27.31 13.87
CA TRP B 75 -20.60 -26.77 15.23
C TRP B 75 -20.37 -25.26 15.20
N MET B 76 -19.30 -24.85 14.54
CA MET B 76 -18.92 -23.45 14.43
C MET B 76 -19.93 -22.60 13.66
N ILE B 77 -20.57 -23.22 12.67
CA ILE B 77 -21.62 -22.58 11.89
C ILE B 77 -22.99 -22.99 12.48
N GLN B 78 -23.18 -22.66 13.75
CA GLN B 78 -24.41 -22.96 14.50
C GLN B 78 -25.65 -23.18 13.62
N GLN B 79 -26.03 -22.16 12.86
CA GLN B 79 -27.15 -22.31 11.94
C GLN B 79 -26.80 -21.70 10.58
N PRO B 80 -27.36 -22.21 9.48
CA PRO B 80 -28.40 -23.25 9.47
C PRO B 80 -27.98 -24.65 9.89
N HIS B 81 -28.63 -25.61 9.25
CA HIS B 81 -28.38 -27.02 9.45
C HIS B 81 -28.16 -27.68 8.09
N LYS B 82 -27.40 -28.77 8.07
CA LYS B 82 -27.00 -29.39 6.81
C LYS B 82 -26.30 -28.30 5.96
N ALA B 83 -25.41 -27.55 6.61
CA ALA B 83 -24.61 -26.53 5.92
C ALA B 83 -23.37 -27.15 5.28
N ALA B 84 -23.08 -28.41 5.64
CA ALA B 84 -21.91 -29.12 5.13
C ALA B 84 -22.24 -30.50 4.68
N THR B 85 -21.96 -30.77 3.42
CA THR B 85 -22.19 -32.09 2.89
C THR B 85 -21.02 -32.97 3.36
N PHE B 86 -21.17 -34.28 3.18
CA PHE B 86 -20.08 -35.17 3.51
C PHE B 86 -20.28 -36.52 2.93
N PHE B 87 -19.43 -36.88 1.97
CA PHE B 87 -19.52 -38.20 1.37
C PHE B 87 -18.52 -39.19 2.00
N GLY B 88 -18.70 -40.48 1.70
CA GLY B 88 -17.85 -41.53 2.26
C GLY B 88 -18.40 -42.90 1.88
N CYS B 89 -17.81 -43.95 2.43
CA CYS B 89 -18.30 -45.30 2.19
C CYS B 89 -18.40 -46.12 3.47
N ILE B 90 -19.56 -46.77 3.67
CA ILE B 90 -19.81 -47.60 4.86
C ILE B 90 -20.23 -49.02 4.47
N GLY B 91 -20.54 -49.83 5.48
CA GLY B 91 -21.00 -51.19 5.24
C GLY B 91 -22.50 -51.22 5.53
N ILE B 92 -23.20 -52.18 4.95
CA ILE B 92 -24.61 -52.36 5.26
C ILE B 92 -24.67 -53.23 6.51
N ASP B 93 -24.39 -52.59 7.66
CA ASP B 93 -24.34 -53.27 8.95
C ASP B 93 -24.81 -52.27 10.00
N LYS B 94 -24.87 -52.72 11.25
CA LYS B 94 -25.29 -51.88 12.34
C LYS B 94 -24.31 -50.75 12.45
N PHE B 95 -23.04 -51.11 12.57
CA PHE B 95 -21.97 -50.13 12.73
C PHE B 95 -22.16 -48.90 11.85
N GLY B 96 -22.48 -49.16 10.60
CA GLY B 96 -22.76 -48.07 9.68
C GLY B 96 -24.06 -47.40 10.11
N GLU B 97 -25.05 -48.20 10.51
CA GLU B 97 -26.32 -47.63 10.97
C GLU B 97 -26.04 -46.54 12.00
N ILE B 98 -25.23 -46.87 13.00
CA ILE B 98 -24.84 -45.93 14.04
C ILE B 98 -24.17 -44.69 13.47
N LEU B 99 -23.58 -44.85 12.29
CA LEU B 99 -22.82 -43.80 11.62
C LEU B 99 -23.76 -42.83 10.94
N LYS B 100 -24.71 -43.38 10.19
CA LYS B 100 -25.71 -42.54 9.53
C LYS B 100 -26.51 -41.77 10.59
N ARG B 101 -26.60 -42.36 11.78
CA ARG B 101 -27.27 -41.74 12.92
C ARG B 101 -26.44 -40.60 13.51
N LYS B 102 -25.37 -40.97 14.22
CA LYS B 102 -24.49 -40.01 14.87
C LYS B 102 -24.08 -38.84 13.97
N ALA B 103 -24.34 -38.96 12.67
CA ALA B 103 -23.90 -37.97 11.69
C ALA B 103 -24.93 -36.87 11.56
N ALA B 104 -26.15 -37.26 11.19
CA ALA B 104 -27.28 -36.31 11.13
C ALA B 104 -27.47 -35.69 12.54
N GLU B 105 -27.35 -36.52 13.57
CA GLU B 105 -27.39 -35.99 14.94
C GLU B 105 -26.32 -34.93 15.17
N ALA B 106 -25.60 -34.60 14.13
CA ALA B 106 -24.60 -33.54 14.16
C ALA B 106 -25.04 -32.37 13.26
N HIS B 107 -26.13 -32.59 12.51
CA HIS B 107 -26.65 -31.60 11.57
C HIS B 107 -25.84 -31.55 10.27
N VAL B 108 -24.99 -32.58 10.10
CA VAL B 108 -24.17 -32.75 8.91
C VAL B 108 -24.92 -33.50 7.83
N ASP B 109 -25.02 -32.87 6.66
CA ASP B 109 -25.68 -33.48 5.52
C ASP B 109 -24.82 -34.60 4.94
N ALA B 110 -24.88 -35.76 5.57
CA ALA B 110 -24.07 -36.89 5.17
C ALA B 110 -24.81 -37.87 4.26
N HIS B 111 -24.35 -38.00 3.02
CA HIS B 111 -24.82 -39.04 2.13
C HIS B 111 -23.65 -40.00 1.91
N TYR B 112 -23.82 -41.26 2.31
CA TYR B 112 -22.78 -42.27 2.21
C TYR B 112 -22.94 -43.20 1.02
N TYR B 113 -21.96 -44.08 0.84
CA TYR B 113 -21.99 -45.10 -0.20
C TYR B 113 -21.91 -46.45 0.51
N GLU B 114 -23.05 -47.10 0.65
CA GLU B 114 -23.12 -48.37 1.40
C GLU B 114 -22.88 -49.66 0.63
N GLN B 115 -22.40 -50.69 1.34
CA GLN B 115 -22.17 -51.94 0.67
C GLN B 115 -21.88 -53.15 1.57
N ASN B 116 -21.73 -54.31 0.96
CA ASN B 116 -21.43 -55.55 1.67
C ASN B 116 -19.92 -55.71 1.74
N GLU B 117 -19.31 -56.29 0.68
CA GLU B 117 -17.87 -56.49 0.58
C GLU B 117 -17.14 -56.45 1.92
N GLN B 118 -17.13 -55.28 2.53
CA GLN B 118 -16.33 -55.07 3.74
C GLN B 118 -17.16 -54.42 4.84
N PRO B 119 -16.58 -54.40 6.05
CA PRO B 119 -17.22 -53.75 7.18
C PRO B 119 -17.46 -52.28 6.84
N THR B 120 -17.70 -51.46 7.88
CA THR B 120 -18.03 -50.07 7.60
C THR B 120 -16.82 -49.17 7.85
N GLY B 121 -15.94 -49.28 8.84
CA GLY B 121 -14.81 -48.38 9.02
C GLY B 121 -14.81 -48.04 10.49
N THR B 122 -13.84 -48.58 11.22
CA THR B 122 -13.83 -48.37 12.66
C THR B 122 -12.49 -47.87 13.21
N CYS B 123 -12.58 -47.10 14.27
CA CYS B 123 -11.40 -46.66 14.99
C CYS B 123 -11.77 -47.19 16.38
N ALA B 124 -10.80 -47.34 17.28
CA ALA B 124 -11.11 -47.85 18.63
C ALA B 124 -10.28 -47.21 19.70
N ALA B 125 -10.90 -46.34 20.50
CA ALA B 125 -10.17 -45.70 21.59
C ALA B 125 -10.23 -46.62 22.83
N CYS B 126 -9.07 -47.16 23.18
CA CYS B 126 -8.98 -48.08 24.28
C CYS B 126 -8.30 -47.41 25.47
N ILE B 127 -8.96 -46.37 25.96
CA ILE B 127 -8.48 -45.62 27.11
C ILE B 127 -8.29 -46.60 28.27
N THR B 128 -7.27 -46.37 29.09
CA THR B 128 -7.03 -47.22 30.24
C THR B 128 -6.90 -46.27 31.45
N GLY B 129 -7.02 -44.98 31.18
CA GLY B 129 -6.85 -43.94 32.20
C GLY B 129 -5.42 -43.47 32.02
N ASP B 130 -5.23 -42.48 31.14
CA ASP B 130 -3.92 -41.93 30.77
C ASP B 130 -3.30 -42.58 29.52
N ASN B 131 -4.12 -43.26 28.72
CA ASN B 131 -3.63 -43.90 27.50
C ASN B 131 -4.74 -43.95 26.46
N ARG B 132 -4.35 -44.01 25.19
CA ARG B 132 -5.31 -44.14 24.11
C ARG B 132 -4.71 -45.02 23.01
N SER B 133 -4.95 -46.32 23.17
CA SER B 133 -4.46 -47.33 22.24
C SER B 133 -5.51 -47.51 21.15
N LEU B 134 -5.19 -46.98 19.98
CA LEU B 134 -6.14 -46.98 18.89
C LEU B 134 -5.83 -48.06 17.91
N ILE B 135 -6.92 -48.53 17.31
CA ILE B 135 -6.91 -49.56 16.31
C ILE B 135 -8.00 -49.14 15.31
N ALA B 136 -7.55 -48.83 14.10
CA ALA B 136 -8.44 -48.47 13.02
C ALA B 136 -8.40 -49.49 11.90
N ASN B 137 -9.56 -49.61 11.31
CA ASN B 137 -9.83 -50.54 10.27
C ASN B 137 -10.66 -49.69 9.31
N LEU B 138 -10.05 -49.32 8.20
CA LEU B 138 -10.71 -48.55 7.20
C LEU B 138 -11.87 -49.35 6.57
N ALA B 139 -11.64 -50.61 6.30
CA ALA B 139 -12.65 -51.45 5.66
C ALA B 139 -13.46 -50.79 4.55
N ALA B 140 -14.74 -50.49 4.79
CA ALA B 140 -15.62 -49.95 3.74
C ALA B 140 -15.12 -48.59 3.36
N ALA B 141 -14.56 -47.88 4.35
CA ALA B 141 -14.07 -46.55 4.12
C ALA B 141 -13.12 -46.56 2.92
N ASN B 142 -12.59 -47.73 2.59
CA ASN B 142 -11.62 -47.89 1.51
C ASN B 142 -12.23 -48.59 0.27
N CYS B 143 -13.56 -48.56 0.19
CA CYS B 143 -14.28 -49.19 -0.90
C CYS B 143 -15.10 -48.21 -1.70
N TYR B 144 -15.00 -46.93 -1.35
CA TYR B 144 -15.72 -45.91 -2.10
C TYR B 144 -15.37 -46.05 -3.58
N LYS B 145 -16.37 -45.86 -4.43
CA LYS B 145 -16.21 -45.83 -5.87
C LYS B 145 -17.07 -44.63 -6.34
N LYS B 146 -16.45 -43.71 -7.11
CA LYS B 146 -17.15 -42.51 -7.52
C LYS B 146 -18.07 -42.80 -8.70
N GLU B 147 -17.60 -43.69 -9.57
CA GLU B 147 -18.33 -44.17 -10.72
C GLU B 147 -19.77 -44.43 -10.31
N LYS B 148 -19.92 -45.03 -9.15
CA LYS B 148 -21.22 -45.31 -8.57
C LYS B 148 -21.58 -44.58 -7.28
N HIS B 149 -21.30 -43.29 -7.20
CA HIS B 149 -21.79 -42.50 -6.06
C HIS B 149 -21.56 -41.01 -6.22
N LEU B 150 -20.30 -40.60 -6.25
CA LEU B 150 -19.98 -39.20 -6.43
C LEU B 150 -20.53 -38.80 -7.81
N ASP B 151 -20.29 -39.68 -8.79
CA ASP B 151 -20.74 -39.46 -10.17
C ASP B 151 -22.25 -39.37 -10.39
N LEU B 152 -23.00 -39.92 -9.45
CA LEU B 152 -24.43 -39.93 -9.57
C LEU B 152 -25.02 -38.54 -9.53
N GLU B 153 -25.94 -38.29 -10.48
CA GLU B 153 -26.61 -37.00 -10.65
C GLU B 153 -27.03 -36.33 -9.34
N LYS B 154 -27.86 -37.00 -8.56
CA LYS B 154 -28.36 -36.42 -7.32
C LYS B 154 -27.27 -36.03 -6.33
N ASN B 155 -26.19 -36.79 -6.28
CA ASN B 155 -25.11 -36.52 -5.34
C ASN B 155 -24.20 -35.41 -5.87
N TRP B 156 -23.85 -35.54 -7.16
CA TRP B 156 -22.95 -34.59 -7.79
C TRP B 156 -23.51 -33.19 -7.83
N MET B 157 -24.80 -33.07 -7.57
CA MET B 157 -25.43 -31.76 -7.61
C MET B 157 -25.22 -31.01 -6.32
N LEU B 158 -24.82 -31.74 -5.27
CA LEU B 158 -24.60 -31.17 -3.96
C LEU B 158 -23.18 -30.66 -3.91
N VAL B 159 -22.39 -31.17 -4.85
CA VAL B 159 -20.99 -30.80 -4.97
C VAL B 159 -20.94 -29.37 -5.47
N GLU B 160 -21.84 -29.08 -6.39
CA GLU B 160 -21.95 -27.75 -6.99
C GLU B 160 -22.51 -26.79 -5.98
N LYS B 161 -23.50 -27.26 -5.23
CA LYS B 161 -24.13 -26.46 -4.19
C LYS B 161 -23.08 -25.81 -3.29
N ALA B 162 -21.94 -26.48 -3.16
CA ALA B 162 -20.82 -26.00 -2.32
C ALA B 162 -19.87 -24.99 -3.00
N ARG B 163 -19.37 -24.05 -2.21
CA ARG B 163 -18.45 -23.04 -2.72
C ARG B 163 -17.10 -23.15 -2.02
N VAL B 164 -16.88 -24.28 -1.34
CA VAL B 164 -15.64 -24.57 -0.62
C VAL B 164 -15.62 -26.07 -0.43
N CYS B 165 -14.51 -26.70 -0.78
CA CYS B 165 -14.40 -28.13 -0.62
C CYS B 165 -13.26 -28.38 0.28
N TYR B 166 -13.27 -29.56 0.90
CA TYR B 166 -12.17 -29.99 1.73
C TYR B 166 -12.14 -31.50 1.72
N ILE B 167 -10.92 -32.02 1.65
CA ILE B 167 -10.65 -33.44 1.69
C ILE B 167 -9.30 -33.54 2.36
N ALA B 168 -9.14 -34.48 3.28
CA ALA B 168 -7.83 -34.67 3.91
C ALA B 168 -6.99 -35.62 3.02
N GLY B 169 -5.67 -35.57 3.16
CA GLY B 169 -4.77 -36.35 2.31
C GLY B 169 -5.10 -37.83 2.42
N PHE B 170 -5.52 -38.23 3.62
CA PHE B 170 -5.91 -39.62 3.93
C PHE B 170 -6.80 -40.24 2.86
N PHE B 171 -7.58 -39.38 2.23
CA PHE B 171 -8.51 -39.85 1.21
C PHE B 171 -7.83 -40.26 -0.08
N LEU B 172 -6.68 -39.63 -0.39
CA LEU B 172 -5.86 -39.90 -1.58
C LEU B 172 -5.35 -41.35 -1.63
N THR B 173 -5.36 -41.99 -0.47
CA THR B 173 -4.90 -43.38 -0.32
C THR B 173 -6.02 -44.34 -0.68
N VAL B 174 -7.17 -43.75 -0.96
CA VAL B 174 -8.44 -44.43 -1.31
C VAL B 174 -8.90 -44.13 -2.75
N SER B 175 -9.21 -42.87 -3.08
CA SER B 175 -9.63 -42.55 -4.47
C SER B 175 -9.11 -41.22 -4.98
N PRO B 176 -7.88 -41.15 -5.47
CA PRO B 176 -7.37 -39.88 -6.01
C PRO B 176 -8.18 -39.44 -7.25
N GLU B 177 -8.62 -40.41 -8.06
CA GLU B 177 -9.39 -40.14 -9.27
C GLU B 177 -10.63 -39.37 -8.86
N SER B 178 -11.04 -39.60 -7.62
CA SER B 178 -12.25 -39.00 -7.06
C SER B 178 -11.97 -37.69 -6.31
N VAL B 179 -10.73 -37.50 -5.91
CA VAL B 179 -10.30 -36.28 -5.24
C VAL B 179 -10.02 -35.27 -6.34
N LEU B 180 -9.74 -35.76 -7.54
CA LEU B 180 -9.46 -34.93 -8.71
C LEU B 180 -10.75 -34.27 -9.19
N LYS B 181 -11.72 -35.09 -9.65
CA LYS B 181 -13.08 -34.64 -10.04
C LYS B 181 -13.51 -33.40 -9.23
N VAL B 182 -13.19 -33.40 -7.95
CA VAL B 182 -13.50 -32.26 -7.08
C VAL B 182 -12.51 -31.11 -7.28
N ALA B 183 -11.22 -31.40 -7.07
CA ALA B 183 -10.13 -30.41 -7.23
C ALA B 183 -10.06 -29.80 -8.63
N HIS B 184 -10.52 -30.55 -9.61
CA HIS B 184 -10.53 -30.07 -10.99
C HIS B 184 -11.72 -29.10 -11.13
N HIS B 185 -12.86 -29.56 -10.65
CA HIS B 185 -14.07 -28.76 -10.60
C HIS B 185 -13.88 -27.46 -9.82
N ALA B 186 -13.02 -27.50 -8.80
CA ALA B 186 -12.74 -26.30 -8.02
C ALA B 186 -12.16 -25.22 -8.94
N SER B 187 -11.24 -25.60 -9.81
CA SER B 187 -10.64 -24.63 -10.73
C SER B 187 -11.70 -24.21 -11.77
N GLU B 188 -12.20 -25.16 -12.57
CA GLU B 188 -13.21 -24.89 -13.58
C GLU B 188 -14.21 -23.82 -13.17
N ASN B 189 -14.97 -24.05 -12.09
CA ASN B 189 -15.92 -23.05 -11.60
C ASN B 189 -15.37 -22.14 -10.51
N ASN B 190 -14.08 -21.85 -10.58
CA ASN B 190 -13.38 -20.95 -9.68
C ASN B 190 -13.86 -20.86 -8.23
N ARG B 191 -14.11 -22.02 -7.63
CA ARG B 191 -14.48 -22.11 -6.20
C ARG B 191 -13.27 -22.63 -5.41
N ILE B 192 -13.23 -22.37 -4.10
CA ILE B 192 -12.13 -22.82 -3.24
C ILE B 192 -12.05 -24.34 -2.94
N PHE B 193 -10.86 -24.91 -3.10
CA PHE B 193 -10.61 -26.32 -2.82
C PHE B 193 -9.41 -26.47 -1.86
N THR B 194 -9.68 -27.05 -0.67
CA THR B 194 -8.63 -27.20 0.36
C THR B 194 -8.26 -28.66 0.63
N LEU B 195 -6.98 -28.85 0.95
CA LEU B 195 -6.47 -30.19 1.20
C LEU B 195 -5.60 -30.26 2.44
N ASN B 196 -5.60 -31.44 3.05
CA ASN B 196 -4.78 -31.66 4.20
C ASN B 196 -3.67 -32.63 3.85
N LEU B 197 -2.45 -32.34 4.33
CA LEU B 197 -1.30 -33.24 4.17
C LEU B 197 -1.59 -34.56 5.00
N SER B 198 -2.44 -34.44 6.03
CA SER B 198 -2.80 -35.59 6.88
C SER B 198 -1.59 -36.22 7.64
N ALA B 199 -0.67 -36.89 6.94
CA ALA B 199 0.47 -37.55 7.63
C ALA B 199 1.74 -37.51 6.80
N PRO B 200 2.92 -37.59 7.45
CA PRO B 200 4.17 -37.58 6.71
C PRO B 200 4.12 -38.63 5.60
N PHE B 201 3.71 -39.85 5.94
CA PHE B 201 3.65 -40.94 4.98
C PHE B 201 2.93 -40.59 3.67
N ILE B 202 2.04 -39.63 3.73
CA ILE B 202 1.27 -39.32 2.53
C ILE B 202 2.17 -38.60 1.54
N SER B 203 3.13 -37.88 2.09
CA SER B 203 4.09 -37.10 1.31
C SER B 203 5.20 -38.04 0.75
N GLN B 204 5.52 -39.07 1.49
CA GLN B 204 6.59 -39.94 1.13
C GLN B 204 6.17 -41.11 0.23
N PHE B 205 4.90 -41.51 0.30
CA PHE B 205 4.43 -42.70 -0.41
C PHE B 205 3.26 -42.54 -1.40
N TYR B 206 2.73 -41.34 -1.42
CA TYR B 206 1.59 -41.01 -2.23
C TYR B 206 1.95 -39.69 -2.92
N LYS B 207 3.24 -39.48 -3.24
CA LYS B 207 3.59 -38.19 -3.84
C LYS B 207 2.96 -37.95 -5.19
N GLU B 208 3.02 -38.95 -6.05
CA GLU B 208 2.44 -38.86 -7.37
C GLU B 208 1.01 -38.34 -7.32
N SER B 209 0.18 -38.99 -6.52
CA SER B 209 -1.21 -38.62 -6.35
C SER B 209 -1.35 -37.20 -5.75
N LEU B 210 -0.59 -36.91 -4.70
CA LEU B 210 -0.57 -35.59 -4.10
C LEU B 210 -0.09 -34.48 -5.04
N MET B 211 0.89 -34.78 -5.87
CA MET B 211 1.42 -33.73 -6.76
C MET B 211 0.56 -33.58 -7.97
N LYS B 212 -0.26 -34.58 -8.24
CA LYS B 212 -1.19 -34.45 -9.34
C LYS B 212 -2.38 -33.56 -8.93
N VAL B 213 -2.70 -33.54 -7.64
CA VAL B 213 -3.85 -32.75 -7.13
C VAL B 213 -3.42 -31.35 -6.63
N MET B 214 -2.14 -31.19 -6.33
CA MET B 214 -1.67 -29.96 -5.78
C MET B 214 -1.67 -28.69 -6.67
N PRO B 215 -1.85 -28.84 -7.99
CA PRO B 215 -1.95 -27.66 -8.85
C PRO B 215 -3.39 -27.16 -8.79
N TYR B 216 -4.28 -27.96 -8.18
CA TYR B 216 -5.69 -27.61 -8.09
C TYR B 216 -6.07 -27.29 -6.66
N VAL B 217 -5.05 -27.15 -5.80
CA VAL B 217 -5.24 -26.91 -4.37
C VAL B 217 -5.13 -25.44 -3.96
N ASP B 218 -6.26 -24.81 -3.66
CA ASP B 218 -6.30 -23.39 -3.25
C ASP B 218 -5.72 -23.04 -1.89
N ILE B 219 -5.98 -23.86 -0.89
CA ILE B 219 -5.36 -23.70 0.44
C ILE B 219 -4.89 -25.06 0.90
N LEU B 220 -3.71 -25.12 1.49
CA LEU B 220 -3.14 -26.38 1.96
C LEU B 220 -2.86 -26.39 3.46
N PHE B 221 -3.56 -27.29 4.16
CA PHE B 221 -3.40 -27.50 5.60
C PHE B 221 -2.32 -28.53 5.90
N GLY B 222 -1.59 -28.35 6.98
CA GLY B 222 -0.62 -29.33 7.37
C GLY B 222 -0.02 -28.99 8.72
N ASN B 223 0.90 -29.82 9.19
CA ASN B 223 1.60 -29.47 10.43
C ASN B 223 3.11 -29.45 10.31
N GLU B 224 3.73 -29.24 11.45
CA GLU B 224 5.18 -29.19 11.60
C GLU B 224 5.83 -30.31 10.80
N THR B 225 5.66 -31.53 11.31
CA THR B 225 6.28 -32.70 10.75
C THR B 225 5.83 -33.09 9.36
N GLU B 226 4.56 -32.86 9.06
CA GLU B 226 4.09 -33.20 7.69
C GLU B 226 4.75 -32.24 6.71
N ALA B 227 4.76 -30.94 7.02
CA ALA B 227 5.42 -29.95 6.14
C ALA B 227 6.86 -30.37 5.89
N ALA B 228 7.64 -30.60 6.94
CA ALA B 228 9.04 -31.00 6.78
C ALA B 228 9.30 -32.20 5.87
N THR B 229 8.58 -33.29 6.09
CA THR B 229 8.73 -34.44 5.23
C THR B 229 8.33 -34.07 3.80
N PHE B 230 7.31 -33.22 3.66
CA PHE B 230 6.86 -32.82 2.32
C PHE B 230 7.98 -32.14 1.54
N ALA B 231 8.58 -31.17 2.20
CA ALA B 231 9.68 -30.42 1.65
C ALA B 231 10.85 -31.38 1.31
N ARG B 232 11.06 -32.38 2.18
CA ARG B 232 12.13 -33.40 2.05
C ARG B 232 12.06 -34.15 0.73
N GLU B 233 10.86 -34.58 0.36
CA GLU B 233 10.62 -35.32 -0.88
C GLU B 233 10.79 -34.42 -2.09
N GLN B 234 9.87 -33.48 -2.24
CA GLN B 234 9.85 -32.48 -3.27
C GLN B 234 11.15 -31.69 -3.56
N GLY B 235 12.04 -31.60 -2.58
CA GLY B 235 13.26 -30.82 -2.73
C GLY B 235 13.02 -29.31 -2.48
N PHE B 236 13.22 -28.87 -1.25
CA PHE B 236 13.02 -27.48 -0.91
C PHE B 236 14.29 -27.06 -0.22
N GLU B 237 14.96 -28.07 0.34
CA GLU B 237 16.23 -27.87 1.03
C GLU B 237 16.11 -27.20 2.42
N THR B 238 15.21 -26.23 2.56
CA THR B 238 15.01 -25.54 3.85
C THR B 238 14.36 -26.49 4.84
N LYS B 239 14.49 -26.16 6.12
CA LYS B 239 13.79 -26.87 7.16
C LYS B 239 12.97 -25.81 7.91
N ASP B 240 13.20 -24.54 7.57
CA ASP B 240 12.55 -23.46 8.27
C ASP B 240 11.12 -23.30 7.80
N ILE B 241 10.21 -23.92 8.56
CA ILE B 241 8.78 -23.95 8.28
C ILE B 241 8.28 -22.67 7.68
N LYS B 242 8.72 -21.54 8.24
CA LYS B 242 8.32 -20.23 7.74
C LYS B 242 8.67 -20.17 6.26
N GLU B 243 9.75 -20.85 5.88
CA GLU B 243 10.18 -20.83 4.49
C GLU B 243 9.55 -21.90 3.62
N ILE B 244 9.24 -23.06 4.22
CA ILE B 244 8.58 -24.16 3.51
C ILE B 244 7.17 -23.73 3.07
N ALA B 245 6.58 -22.81 3.83
CA ALA B 245 5.24 -22.33 3.51
C ALA B 245 5.30 -21.54 2.22
N LYS B 246 6.36 -20.75 2.04
CA LYS B 246 6.52 -19.96 0.82
C LYS B 246 6.80 -20.78 -0.46
N LYS B 247 7.79 -21.67 -0.41
CA LYS B 247 8.15 -22.50 -1.57
C LYS B 247 6.94 -23.32 -2.04
N THR B 248 6.27 -23.97 -1.08
CA THR B 248 5.10 -24.79 -1.40
C THR B 248 3.99 -23.94 -2.03
N GLN B 249 3.82 -22.75 -1.53
CA GLN B 249 2.79 -21.90 -2.11
C GLN B 249 3.24 -21.27 -3.42
N ALA B 250 4.52 -21.38 -3.73
CA ALA B 250 4.98 -20.91 -5.01
C ALA B 250 4.88 -22.02 -6.04
N LEU B 251 4.22 -23.13 -5.70
CA LEU B 251 4.12 -24.28 -6.63
C LEU B 251 3.16 -23.96 -7.74
N PRO B 252 3.37 -24.56 -8.90
CA PRO B 252 2.53 -24.32 -10.03
C PRO B 252 1.10 -24.56 -9.65
N LYS B 253 0.29 -23.54 -9.86
CA LYS B 253 -1.13 -23.62 -9.54
C LYS B 253 -1.85 -23.55 -10.87
N MET B 254 -2.68 -24.54 -11.14
CA MET B 254 -3.42 -24.57 -12.40
C MET B 254 -4.16 -23.23 -12.54
N ASN B 255 -5.16 -23.05 -11.69
CA ASN B 255 -6.03 -21.86 -11.66
C ASN B 255 -5.33 -20.59 -11.18
N SER B 256 -4.52 -20.01 -12.06
CA SER B 256 -3.78 -18.80 -11.75
C SER B 256 -4.57 -17.57 -11.30
N LYS B 257 -5.90 -17.61 -11.43
CA LYS B 257 -6.75 -16.57 -10.86
C LYS B 257 -6.33 -16.55 -9.38
N ARG B 258 -6.99 -17.36 -8.55
CA ARG B 258 -6.62 -17.43 -7.14
C ARG B 258 -5.20 -17.90 -6.94
N GLN B 259 -4.46 -17.15 -6.14
CA GLN B 259 -3.11 -17.52 -5.74
C GLN B 259 -3.45 -18.49 -4.61
N ARG B 260 -2.45 -19.09 -3.98
CA ARG B 260 -2.79 -20.06 -2.97
C ARG B 260 -2.27 -19.72 -1.59
N ILE B 261 -2.95 -20.25 -0.58
CA ILE B 261 -2.52 -20.07 0.81
C ILE B 261 -2.02 -21.40 1.39
N VAL B 262 -1.23 -21.30 2.45
CA VAL B 262 -0.62 -22.47 3.00
C VAL B 262 -0.55 -22.32 4.50
N ILE B 263 -1.45 -23.05 5.17
CA ILE B 263 -1.49 -22.98 6.59
C ILE B 263 -0.80 -24.20 7.07
N PHE B 264 0.27 -23.96 7.81
CA PHE B 264 1.01 -25.04 8.40
C PHE B 264 0.88 -24.79 9.88
N THR B 265 0.09 -25.60 10.56
CA THR B 265 -0.06 -25.42 11.99
C THR B 265 1.27 -25.78 12.62
N GLN B 266 1.23 -25.91 13.93
CA GLN B 266 2.39 -26.37 14.67
C GLN B 266 1.91 -26.91 16.00
N GLY B 267 0.86 -27.72 15.87
CA GLY B 267 0.17 -28.37 16.97
C GLY B 267 -0.35 -27.22 17.80
N ARG B 268 0.36 -26.94 18.89
CA ARG B 268 0.04 -25.82 19.74
C ARG B 268 1.32 -25.01 19.90
N ASP B 269 1.60 -24.21 18.89
CA ASP B 269 2.78 -23.36 18.91
C ASP B 269 2.90 -22.49 17.64
N ASP B 270 2.07 -21.46 17.56
CA ASP B 270 2.07 -20.61 16.39
C ASP B 270 1.43 -21.37 15.24
N THR B 271 1.39 -20.71 14.09
CA THR B 271 0.76 -21.22 12.90
C THR B 271 1.42 -20.34 11.84
N ILE B 272 1.70 -20.90 10.67
CA ILE B 272 2.40 -20.15 9.65
C ILE B 272 1.54 -20.03 8.43
N MET B 273 1.22 -18.80 8.06
CA MET B 273 0.42 -18.57 6.87
C MET B 273 1.34 -17.97 5.83
N ALA B 274 1.23 -18.47 4.61
CA ALA B 274 1.87 -18.03 3.38
C ALA B 274 0.84 -17.55 2.34
N THR B 275 0.94 -16.24 2.04
CA THR B 275 0.07 -15.65 1.03
C THR B 275 0.88 -15.06 -0.11
N GLU B 276 0.21 -14.24 -0.93
CA GLU B 276 0.88 -13.67 -2.10
C GLU B 276 2.16 -12.92 -1.71
N SER B 277 1.99 -11.87 -0.89
CA SER B 277 3.16 -11.09 -0.50
C SER B 277 4.10 -11.85 0.45
N GLU B 278 3.82 -11.78 1.77
CA GLU B 278 4.75 -12.36 2.73
C GLU B 278 4.21 -13.62 3.41
N VAL B 279 5.00 -14.01 4.41
CA VAL B 279 4.68 -15.09 5.32
C VAL B 279 4.49 -14.49 6.71
N THR B 280 3.38 -14.85 7.36
CA THR B 280 3.09 -14.37 8.72
C THR B 280 3.14 -15.47 9.74
N ALA B 281 3.00 -15.09 11.01
CA ALA B 281 2.99 -16.02 12.14
C ALA B 281 1.86 -15.58 13.11
N PHE B 282 1.03 -16.54 13.50
CA PHE B 282 -0.08 -16.28 14.40
C PHE B 282 0.06 -17.09 15.69
N ALA B 283 0.18 -16.39 16.82
CA ALA B 283 0.32 -17.03 18.12
C ALA B 283 -0.90 -17.89 18.40
N VAL B 284 -0.80 -18.77 19.41
CA VAL B 284 -1.87 -19.70 19.73
C VAL B 284 -2.41 -19.63 21.17
N LEU B 285 -3.74 -19.60 21.26
CA LEU B 285 -4.49 -19.57 22.51
C LEU B 285 -4.05 -20.68 23.46
N ASP B 286 -3.34 -20.31 24.52
CA ASP B 286 -2.85 -21.30 25.47
C ASP B 286 -3.91 -21.82 26.44
N GLN B 287 -3.75 -23.07 26.84
CA GLN B 287 -4.63 -23.73 27.80
C GLN B 287 -3.75 -24.65 28.65
N ASP B 288 -2.51 -24.21 28.84
CA ASP B 288 -1.43 -24.87 29.59
C ASP B 288 -1.71 -26.11 30.46
N GLN B 289 -0.69 -26.97 30.56
CA GLN B 289 -0.75 -28.15 31.42
C GLN B 289 -2.01 -29.04 31.34
N LYS B 290 -2.55 -29.23 30.14
CA LYS B 290 -3.68 -30.13 29.99
C LYS B 290 -3.10 -31.54 29.87
N GLU B 291 -3.31 -32.36 30.90
CA GLU B 291 -2.78 -33.72 30.90
C GLU B 291 -3.42 -34.59 29.83
N ILE B 292 -4.65 -34.23 29.47
CA ILE B 292 -5.46 -35.01 28.53
C ILE B 292 -5.52 -34.33 27.17
N ILE B 293 -4.55 -33.45 26.93
CA ILE B 293 -4.44 -32.71 25.67
C ILE B 293 -4.56 -33.66 24.49
N ASP B 294 -5.70 -33.57 23.80
CA ASP B 294 -5.99 -34.41 22.66
C ASP B 294 -4.81 -34.41 21.68
N THR B 295 -4.14 -33.24 21.58
CA THR B 295 -3.03 -33.02 20.66
C THR B 295 -3.28 -33.64 19.28
N ASN B 296 -2.91 -34.92 19.11
CA ASN B 296 -3.17 -35.64 17.86
C ASN B 296 -4.66 -35.47 17.63
N GLY B 297 -5.07 -35.24 16.39
CA GLY B 297 -6.47 -35.04 16.10
C GLY B 297 -7.04 -33.79 16.79
N ALA B 298 -6.24 -32.73 16.78
CA ALA B 298 -6.65 -31.43 17.31
C ALA B 298 -6.59 -30.44 16.13
N GLY B 299 -5.74 -30.81 15.16
CA GLY B 299 -5.53 -30.00 13.97
C GLY B 299 -6.75 -30.12 13.09
N ASP B 300 -7.45 -31.23 13.27
CA ASP B 300 -8.68 -31.50 12.55
C ASP B 300 -9.76 -30.49 12.94
N ALA B 301 -9.71 -30.08 14.20
CA ALA B 301 -10.67 -29.15 14.77
C ALA B 301 -10.32 -27.83 14.15
N PHE B 302 -9.06 -27.45 14.30
CA PHE B 302 -8.52 -26.22 13.70
C PHE B 302 -9.01 -26.01 12.25
N VAL B 303 -9.02 -27.07 11.47
CA VAL B 303 -9.47 -26.98 10.09
C VAL B 303 -10.95 -26.69 10.01
N GLY B 304 -11.70 -27.19 10.99
CA GLY B 304 -13.14 -27.02 11.05
C GLY B 304 -13.41 -25.54 11.28
N GLY B 305 -12.70 -24.98 12.26
CA GLY B 305 -12.80 -23.56 12.56
C GLY B 305 -12.50 -22.71 11.32
N PHE B 306 -11.34 -22.96 10.71
CA PHE B 306 -10.93 -22.21 9.53
C PHE B 306 -11.97 -22.26 8.41
N LEU B 307 -12.58 -23.43 8.26
CA LEU B 307 -13.55 -23.68 7.19
C LEU B 307 -14.86 -22.89 7.35
N SER B 308 -15.33 -22.84 8.60
CA SER B 308 -16.59 -22.18 8.93
C SER B 308 -16.54 -20.68 8.74
N GLN B 309 -15.34 -20.11 8.91
CA GLN B 309 -15.14 -18.68 8.78
C GLN B 309 -14.76 -18.25 7.35
N LEU B 310 -14.26 -19.18 6.55
CA LEU B 310 -13.93 -18.88 5.16
C LEU B 310 -15.13 -19.13 4.22
N VAL B 311 -16.16 -19.81 4.75
CA VAL B 311 -17.42 -20.15 4.04
C VAL B 311 -18.26 -18.90 3.64
N SER B 312 -18.26 -17.87 4.48
CA SER B 312 -18.94 -16.61 4.16
C SER B 312 -17.92 -15.56 3.64
N ASP B 313 -16.72 -16.03 3.31
CA ASP B 313 -15.61 -15.18 2.85
C ASP B 313 -15.27 -14.10 3.87
N LYS B 314 -14.44 -14.46 4.85
CA LYS B 314 -14.03 -13.54 5.89
C LYS B 314 -12.52 -13.44 5.79
N PRO B 315 -11.91 -12.57 6.61
CA PRO B 315 -10.46 -12.39 6.57
C PRO B 315 -9.68 -13.65 6.96
N LEU B 316 -8.37 -13.64 6.72
CA LEU B 316 -7.51 -14.79 6.96
C LEU B 316 -7.06 -14.80 8.42
N THR B 317 -7.32 -13.66 9.05
CA THR B 317 -6.95 -13.40 10.43
C THR B 317 -8.01 -13.95 11.38
N GLU B 318 -9.25 -14.03 10.85
CA GLU B 318 -10.41 -14.54 11.60
C GLU B 318 -10.54 -16.06 11.40
N CYS B 319 -10.42 -16.54 10.15
CA CYS B 319 -10.47 -17.97 9.85
C CYS B 319 -9.47 -18.76 10.73
N ILE B 320 -8.35 -18.12 11.05
CA ILE B 320 -7.37 -18.71 11.94
C ILE B 320 -7.63 -18.35 13.39
N ARG B 321 -8.72 -17.64 13.66
CA ARG B 321 -9.11 -17.26 15.04
C ARG B 321 -10.08 -18.35 15.51
N ALA B 322 -10.98 -18.75 14.61
CA ALA B 322 -11.99 -19.78 14.87
C ALA B 322 -11.38 -21.20 14.91
N GLY B 323 -10.29 -21.42 14.16
CA GLY B 323 -9.64 -22.72 14.15
C GLY B 323 -8.96 -22.97 15.51
N HIS B 324 -8.91 -21.93 16.33
CA HIS B 324 -8.32 -22.03 17.67
C HIS B 324 -9.39 -22.08 18.75
N TYR B 325 -10.61 -21.74 18.36
CA TYR B 325 -11.75 -21.84 19.25
C TYR B 325 -12.24 -23.26 19.05
N ALA B 326 -12.03 -23.72 17.83
CA ALA B 326 -12.35 -25.08 17.41
C ALA B 326 -11.02 -25.83 17.40
N ALA B 327 -10.32 -25.78 18.52
CA ALA B 327 -9.03 -26.44 18.67
C ALA B 327 -8.67 -26.37 20.15
N SER B 328 -9.72 -26.23 20.96
CA SER B 328 -9.59 -26.11 22.40
C SER B 328 -10.75 -26.86 23.08
C1 89I C . 11.07 38.89 -3.61
N2 89I C . 10.38 39.83 -3.01
C3 89I C . 10.13 39.56 -1.73
C4 89I C . 10.49 38.43 -1.05
C5 89I C . 11.21 37.53 -1.82
N6 89I C . 11.49 37.74 -3.10
C8 89I C . 10.25 38.27 0.38
C9 89I C . 10.95 39.09 1.21
C10 89I C . 10.84 39.03 2.58
C11 89I C . 10.02 38.14 3.20
C12 89I C . 9.29 37.31 2.36
C13 89I C . 9.41 37.37 0.98
C18 89I C . 6.84 42.68 0.15
N19 89I C . 5.85 43.18 0.89
C20 89I C . 5.72 42.60 2.11
C21 89I C . 6.53 41.56 2.55
C22 89I C . 7.52 41.06 1.72
C23 89I C . 7.68 41.67 0.50
C27 89I C . 4.57 42.27 4.24
C28 89I C . 3.94 43.17 5.30
O29 89I C . 2.87 43.88 4.68
C30 89I C . 3.34 44.75 3.67
C31 89I C . 3.73 43.89 2.50
N32 89I C . 4.76 43.05 3.02
C41 89I C . 9.41 40.53 -1.01
C42 89I C . 8.61 41.21 -0.40
N43 89I C . 10.00 38.16 4.63
C44 89I C . 9.26 37.07 5.30
C48 89I C . 11.41 38.15 4.99
N52 89I C . 11.64 36.35 -1.25
C1 89I D . -8.92 -41.37 8.58
N2 89I D . -8.26 -42.30 7.91
C3 89I D . -7.14 -42.70 8.52
C4 89I D . -6.63 -42.22 9.69
C5 89I D . -7.42 -41.24 10.28
N6 89I D . -8.54 -40.80 9.72
C8 89I D . -5.44 -42.77 10.31
C9 89I D . -5.56 -44.05 10.78
C10 89I D . -4.53 -44.70 11.42
C11 89I D . -3.31 -44.10 11.62
C12 89I D . -3.19 -42.82 11.11
C13 89I D . -4.23 -42.17 10.48
C18 89I D . -4.42 -45.49 5.54
N19 89I D . -3.35 -46.06 4.96
C20 89I D . -2.28 -46.20 5.78
C21 89I D . -2.26 -45.76 7.10
C22 89I D . -3.38 -45.14 7.64
C23 89I D . -4.47 -45.05 6.82
C27 89I D . 0.05 -46.80 6.20
C28 89I D . 0.98 -47.94 5.83
O29 89I D . 1.10 -47.95 4.41
C30 89I D . -0.14 -48.24 3.78
C31 89I D . -0.99 -47.00 3.92
N32 89I D . -1.11 -46.84 5.32
C41 89I D . -6.42 -43.71 7.86
C42 89I D . -5.61 -44.41 7.27
N43 89I D . -2.31 -44.87 12.31
C44 89I D . -1.08 -44.17 12.68
C48 89I D . -3.02 -45.37 13.48
N52 89I D . -7.02 -40.68 11.47
#